data_7S8H
#
_entry.id   7S8H
#
_cell.length_a   163.058
_cell.length_b   163.058
_cell.length_c   173.548
_cell.angle_alpha   90.000
_cell.angle_beta   90.000
_cell.angle_gamma   120.000
#
_symmetry.space_group_name_H-M   'P 3 2 1'
#
loop_
_entity.id
_entity.type
_entity.pdbx_description
1 polymer 'Glycoprotein G1'
2 polymer '18.5C Fab Heavy Chain'
3 polymer '18.5C Fab Light Chain'
4 polymer '36.1F Fab Heavy Chain'
5 polymer '36.1F Fab Light Chain'
6 polymer 'Glycoprotein G2'
7 branched alpha-D-mannopyranose-(1-6)-beta-D-mannopyranose-(1-4)-2-acetamido-2-deoxy-beta-D-glucopyranose-(1-4)-2-acetamido-2-deoxy-beta-D-glucopyranose
8 branched 2-acetamido-2-deoxy-beta-D-glucopyranose-(1-4)-2-acetamido-2-deoxy-beta-D-glucopyranose
9 branched 2-acetamido-2-deoxy-beta-D-glucopyranose-(1-4)-[alpha-L-fucopyranose-(1-6)]2-acetamido-2-deoxy-beta-D-glucopyranose
10 branched alpha-D-mannopyranose-(1-3)-[alpha-D-mannopyranose-(1-6)]beta-D-mannopyranose-(1-4)-2-acetamido-2-deoxy-beta-D-glucopyranose-(1-4)-[alpha-L-fucopyranose-(1-6)]2-acetamido-2-deoxy-beta-D-glucopyranose
11 non-polymer 2-acetamido-2-deoxy-beta-D-glucopyranose
12 water water
#
loop_
_entity_poly.entity_id
_entity_poly.type
_entity_poly.pdbx_seq_one_letter_code
_entity_poly.pdbx_strand_id
1 'polypeptide(L)'
;TSLYKGVYELQTLELNMETLNMTMPLSCTKNNSHHYIMVGNETGLELTLTNTSIINHKFCNLSDAHKKNLYDHALMSIIS
TFHLSIPNFNQYEAMSCDFNGGKISVQYNLSHSYAGDAANHCGTVANGVLQTFMRMAWGGSYIALDSGRGNWDCIMTSYQ
YLIIQNTTWEDHCQFSRPSPIGYLCLLSQRTRDIYISRRRR
;
A
2 'polypeptide(L)'
;DEVQLVQSGGGLVRPGGSLRLSCAAAGFTFKSYSMNWVRQAPGRGLEWVSSITSGGSKTYYADVVKGRFTVSRDNAKQSL
YLQMNSLRAEDTAIYFCARSLHSTSQPSYMDVWGRKITVIVSSASTKGPSVFPLAPSSKSTSGGTAALGCLVKDYFPEPV
TVSWNSGALTSGVHTFPAVLQSSGLYSLSSVVTVPSSSLGTQTYICNVNHKPSNTKVDKRVEPKSCDK
;
H
3 'polypeptide(L)'
;DDIVLTQSPGTLSLSPGERATLSCRASQSVISYYVAWYQHKGGQAPRLLIYGASSRATGVPDRFSGSGSGTDFTLTISSL
EPEDFALYYCQYYGSSPLWAFGQGTKVEIKRTVAAPSVFIFPPSDEQLKSGTASVVCLLNNFYPREAKVQWKVDNALQSG
NSQESVTEQDSKDSTYSLSSTLTLSKADYEKHKVYACEVTHQGLSSPVTKSFNRGEC
;
L
4 'polypeptide(L)'
;QVQLQESGAGLVKPSETLSLSCAVSGGPFSGAYWTWIRQTPGKGLEWIGEAGRSGTTNYNPSLKSRVTISLDTSKSQFSL
KLTSVTAADTAVYFCGRRQIMSLSNLYKRPVDSWGRGTPVIVSSASTKGPSVFPLAPSSKSTSGGTAALGCLVKDYFPEP
VTVSWNSGALTSGVHTFPAVLQSSGLYSLSSVVTVPSSSLGTQTYICNVNHKPSNTKVDKRVEPKSCDK
;
B
5 'polypeptide(L)'
;EIVLTQSPGTLSLSPGERATLSCRASQSVTKNYLAWYQQKPGQAPTLVIYDASTRASGIPDRFIGSGSGTDFTLTISRLE
PEDFAVYYCHQYGSSPPYTFGRGTKLEIKRTVAAPSVFIFPPSDEQLKSGTASVVCLLNNFYPREAKVQWKVDNALQSGN
SQESVTEQDSKDSTYSLSSTLTLSKADYEKHKVYACEVTHQGLSSPVTKSFNRGEC
;
C
6 'polypeptide(L)'
;GTFTWTLSDSEGKDTPGGYCLTRWMLIEAELKCFGNTAVAKCNEKHDEEFCDMLRLFDFNKQAIQRLKAPAQTSIQLINK
AVNALINDQLCMKNHLRDIMGIPYCNYSKYWYLNHTTTGRTSLPKCWLVSNGSYLNETHFSDDIEQQADNMITEMLQKEY
MERQG
;
a
#
# COMPACT_ATOMS: atom_id res chain seq x y z
N THR A 1 -10.28 11.56 14.79
CA THR A 1 -9.41 10.86 15.73
C THR A 1 -10.23 10.16 16.83
N SER A 2 -9.65 9.14 17.45
CA SER A 2 -10.36 8.33 18.43
C SER A 2 -10.24 8.94 19.82
N LEU A 3 -11.38 9.19 20.44
CA LEU A 3 -11.46 9.80 21.77
C LEU A 3 -12.06 8.80 22.73
N TYR A 4 -11.30 8.46 23.76
CA TYR A 4 -11.75 7.57 24.82
C TYR A 4 -12.01 8.37 26.09
N LYS A 5 -13.11 8.05 26.78
CA LYS A 5 -13.54 8.77 27.98
C LYS A 5 -13.61 10.28 27.73
N GLY A 6 -13.85 10.68 26.48
CA GLY A 6 -14.11 12.06 26.16
C GLY A 6 -12.89 12.96 26.10
N VAL A 7 -11.79 12.57 26.72
CA VAL A 7 -10.72 13.52 26.92
C VAL A 7 -9.35 12.94 26.54
N TYR A 8 -9.29 11.63 26.34
CA TYR A 8 -8.04 10.95 25.98
C TYR A 8 -8.07 10.59 24.50
N GLU A 9 -7.17 11.16 23.73
CA GLU A 9 -7.09 10.92 22.29
C GLU A 9 -6.07 9.81 22.02
N LEU A 10 -6.46 8.83 21.21
CA LEU A 10 -5.57 7.75 20.84
C LEU A 10 -4.54 8.24 19.82
N GLN A 11 -3.27 8.03 20.13
CA GLN A 11 -2.17 8.48 19.27
C GLN A 11 -1.13 7.36 19.14
N THR A 12 -0.35 7.42 18.06
CA THR A 12 0.61 6.37 17.77
C THR A 12 1.99 6.96 17.49
N LEU A 13 3.00 6.10 17.61
CA LEU A 13 4.37 6.44 17.26
C LEU A 13 5.03 5.21 16.65
N GLU A 14 5.97 5.45 15.74
CA GLU A 14 6.73 4.39 15.10
C GLU A 14 8.21 4.70 15.24
N LEU A 15 8.96 3.79 15.85
CA LEU A 15 10.38 4.00 16.06
C LEU A 15 11.15 3.89 14.75
N ASN A 16 12.11 4.80 14.54
CA ASN A 16 13.02 4.71 13.41
C ASN A 16 14.26 3.96 13.89
N MET A 17 14.25 2.64 13.69
CA MET A 17 15.33 1.77 14.17
C MET A 17 16.66 2.02 13.47
N GLU A 18 16.68 2.72 12.33
CA GLU A 18 17.94 2.96 11.65
C GLU A 18 18.86 3.88 12.44
N THR A 19 18.34 4.60 13.44
CA THR A 19 19.20 5.42 14.30
C THR A 19 20.23 4.56 15.02
N LEU A 20 19.94 3.27 15.20
CA LEU A 20 20.82 2.35 15.89
C LEU A 20 21.88 1.73 14.96
N ASN A 21 21.97 2.19 13.71
CA ASN A 21 22.79 1.49 12.72
C ASN A 21 24.27 1.40 13.11
N MET A 22 24.77 2.31 13.95
CA MET A 22 26.19 2.33 14.30
C MET A 22 26.54 1.49 15.54
N THR A 23 25.55 0.93 16.25
CA THR A 23 25.82 0.14 17.45
C THR A 23 25.41 -1.32 17.34
N MET A 24 24.46 -1.66 16.48
CA MET A 24 23.90 -3.00 16.43
C MET A 24 23.46 -3.32 15.00
N PRO A 25 23.36 -4.60 14.65
CA PRO A 25 22.89 -4.96 13.31
C PRO A 25 21.43 -4.63 13.10
N LEU A 26 21.06 -4.48 11.83
CA LEU A 26 19.70 -4.18 11.42
C LEU A 26 19.28 -5.16 10.35
N SER A 27 18.19 -5.88 10.58
CA SER A 27 17.62 -6.82 9.63
C SER A 27 16.50 -6.18 8.86
N CYS A 28 16.30 -6.64 7.63
CA CYS A 28 15.17 -6.21 6.83
C CYS A 28 15.04 -7.13 5.63
N THR A 29 13.90 -7.02 4.95
CA THR A 29 13.52 -7.93 3.88
C THR A 29 13.31 -7.11 2.61
N LYS A 30 13.96 -7.53 1.53
CA LYS A 30 13.82 -6.85 0.25
C LYS A 30 12.65 -7.40 -0.54
N ASN A 31 12.58 -8.72 -0.66
CA ASN A 31 11.43 -9.39 -1.27
C ASN A 31 11.38 -10.80 -0.69
N ASN A 32 10.58 -11.66 -1.33
CA ASN A 32 10.42 -13.03 -0.84
C ASN A 32 11.75 -13.74 -0.67
N SER A 33 12.66 -13.58 -1.63
CA SER A 33 13.88 -14.37 -1.64
C SER A 33 15.06 -13.66 -0.99
N HIS A 34 15.08 -12.33 -0.98
CA HIS A 34 16.28 -11.59 -0.58
C HIS A 34 16.05 -10.89 0.75
N HIS A 35 16.92 -11.18 1.71
CA HIS A 35 16.82 -10.65 3.05
C HIS A 35 18.22 -10.20 3.47
N TYR A 36 18.26 -9.19 4.35
CA TYR A 36 19.51 -8.52 4.66
C TYR A 36 19.63 -8.31 6.15
N ILE A 37 20.87 -8.41 6.64
CA ILE A 37 21.21 -7.96 7.98
C ILE A 37 22.43 -7.06 7.83
N MET A 38 22.25 -5.77 8.08
CA MET A 38 23.28 -4.76 7.81
C MET A 38 23.98 -4.35 9.08
N VAL A 39 25.23 -3.90 8.92
CA VAL A 39 26.05 -3.46 10.03
C VAL A 39 26.67 -2.12 9.66
N GLY A 40 26.16 -1.05 10.27
CA GLY A 40 26.78 0.22 9.98
C GLY A 40 26.35 0.78 8.64
N ASN A 41 27.20 1.64 8.08
CA ASN A 41 26.90 2.34 6.84
C ASN A 41 27.67 1.82 5.64
N GLU A 42 28.44 0.73 5.80
CA GLU A 42 29.33 0.34 4.70
C GLU A 42 29.12 -1.11 4.27
N THR A 43 29.02 -2.02 5.23
CA THR A 43 28.98 -3.44 4.95
C THR A 43 27.70 -4.07 5.48
N GLY A 44 27.50 -5.33 5.14
CA GLY A 44 26.31 -6.03 5.55
C GLY A 44 26.34 -7.46 5.07
N LEU A 45 25.17 -8.10 5.09
CA LEU A 45 25.08 -9.53 4.86
C LEU A 45 23.77 -9.84 4.17
N GLU A 46 23.83 -10.47 2.99
CA GLU A 46 22.64 -10.78 2.22
C GLU A 46 22.30 -12.25 2.41
N LEU A 47 21.07 -12.52 2.85
CA LEU A 47 20.58 -13.88 3.03
C LEU A 47 19.65 -14.18 1.88
N THR A 48 19.98 -15.22 1.11
CA THR A 48 19.28 -15.54 -0.12
C THR A 48 18.64 -16.90 -0.01
N LEU A 49 17.38 -16.99 -0.44
CA LEU A 49 16.72 -18.26 -0.64
C LEU A 49 16.64 -18.48 -2.15
N THR A 50 17.30 -19.52 -2.64
CA THR A 50 17.52 -19.64 -4.07
C THR A 50 17.60 -21.11 -4.46
N ASN A 51 17.35 -21.35 -5.75
CA ASN A 51 17.59 -22.64 -6.36
C ASN A 51 18.95 -22.71 -7.05
N THR A 52 19.69 -21.60 -7.06
CA THR A 52 20.96 -21.48 -7.77
C THR A 52 22.11 -21.54 -6.76
N SER A 53 22.88 -22.63 -6.81
CA SER A 53 24.01 -22.78 -5.91
C SER A 53 25.14 -21.83 -6.31
N ILE A 54 26.08 -21.62 -5.38
CA ILE A 54 27.25 -20.79 -5.65
C ILE A 54 28.52 -21.52 -5.25
N ILE A 55 28.36 -22.68 -4.58
CA ILE A 55 29.49 -23.45 -4.11
C ILE A 55 29.21 -24.92 -4.38
N ASN A 56 30.06 -25.56 -5.18
CA ASN A 56 29.87 -26.96 -5.53
C ASN A 56 30.70 -27.93 -4.70
N HIS A 57 31.66 -27.43 -3.92
CA HIS A 57 32.42 -28.28 -3.02
C HIS A 57 31.69 -28.40 -1.67
N LYS A 58 32.31 -29.14 -0.76
CA LYS A 58 31.73 -29.44 0.54
C LYS A 58 32.70 -29.09 1.66
N PHE A 59 33.44 -28.00 1.48
CA PHE A 59 34.40 -27.53 2.47
C PHE A 59 33.90 -26.25 3.13
N CYS A 60 34.26 -26.08 4.40
CA CYS A 60 34.06 -24.83 5.12
C CYS A 60 35.31 -24.57 5.95
N ASN A 61 36.35 -24.07 5.29
CA ASN A 61 37.67 -23.93 5.90
C ASN A 61 37.69 -22.70 6.79
N LEU A 62 37.10 -22.85 7.97
CA LEU A 62 37.07 -21.74 8.93
C LEU A 62 38.43 -21.57 9.59
N SER A 63 39.10 -22.68 9.91
CA SER A 63 40.41 -22.60 10.53
C SER A 63 41.37 -21.82 9.65
N ASP A 64 41.35 -22.09 8.35
CA ASP A 64 42.17 -21.32 7.42
C ASP A 64 41.75 -19.86 7.43
N ALA A 65 40.44 -19.61 7.31
CA ALA A 65 39.95 -18.24 7.23
C ALA A 65 40.33 -17.45 8.48
N HIS A 66 40.25 -18.09 9.65
CA HIS A 66 40.62 -17.41 10.88
C HIS A 66 42.09 -17.02 10.88
N LYS A 67 42.97 -17.97 10.57
CA LYS A 67 44.40 -17.68 10.58
C LYS A 67 44.73 -16.53 9.64
N LYS A 68 44.15 -16.55 8.44
CA LYS A 68 44.45 -15.51 7.47
C LYS A 68 43.86 -14.16 7.91
N ASN A 69 42.71 -14.19 8.57
CA ASN A 69 42.17 -13.02 9.28
C ASN A 69 41.96 -11.82 8.33
N LEU A 70 41.35 -12.08 7.18
CA LEU A 70 41.01 -11.02 6.23
C LEU A 70 39.55 -10.58 6.28
N TYR A 71 38.67 -11.38 6.89
CA TYR A 71 37.24 -11.12 6.86
C TYR A 71 36.85 -10.01 7.83
N ASP A 72 35.63 -9.50 7.64
CA ASP A 72 35.04 -8.52 8.56
C ASP A 72 34.70 -9.20 9.89
N HIS A 73 35.28 -8.69 10.98
CA HIS A 73 35.12 -9.37 12.27
C HIS A 73 33.67 -9.34 12.74
N ALA A 74 32.92 -8.28 12.42
CA ALA A 74 31.53 -8.26 12.83
C ALA A 74 30.72 -9.27 12.02
N LEU A 75 30.94 -9.32 10.71
CA LEU A 75 30.19 -10.24 9.88
C LEU A 75 30.45 -11.69 10.28
N MET A 76 31.69 -12.02 10.64
CA MET A 76 31.99 -13.38 11.07
C MET A 76 31.26 -13.72 12.37
N SER A 77 31.16 -12.74 13.29
CA SER A 77 30.35 -12.96 14.49
C SER A 77 28.92 -13.31 14.14
N ILE A 78 28.33 -12.56 13.20
CA ILE A 78 26.94 -12.82 12.82
C ILE A 78 26.80 -14.20 12.22
N ILE A 79 27.71 -14.57 11.30
CA ILE A 79 27.72 -15.92 10.75
C ILE A 79 27.76 -16.96 11.86
N SER A 80 28.69 -16.77 12.81
CA SER A 80 28.79 -17.69 13.95
C SER A 80 27.51 -17.70 14.78
N THR A 81 26.95 -16.52 15.07
CA THR A 81 25.70 -16.48 15.81
C THR A 81 24.60 -17.20 15.05
N PHE A 82 24.52 -16.99 13.74
CA PHE A 82 23.52 -17.69 12.95
C PHE A 82 23.71 -19.20 13.04
N HIS A 83 24.92 -19.68 12.72
CA HIS A 83 25.12 -21.12 12.66
C HIS A 83 25.02 -21.77 14.03
N LEU A 84 25.47 -21.06 15.07
CA LEU A 84 25.40 -21.64 16.41
C LEU A 84 23.98 -21.63 16.97
N SER A 85 23.01 -21.02 16.29
CA SER A 85 21.62 -21.04 16.72
C SER A 85 20.78 -22.08 15.99
N ILE A 86 21.37 -22.82 15.06
CA ILE A 86 20.63 -23.83 14.31
C ILE A 86 20.38 -25.00 15.25
N PRO A 87 19.12 -25.35 15.51
CA PRO A 87 18.84 -26.47 16.41
C PRO A 87 19.22 -27.81 15.78
N ASN A 88 19.88 -28.65 16.57
CA ASN A 88 20.18 -30.04 16.19
C ASN A 88 20.85 -30.12 14.83
N PHE A 89 21.87 -29.31 14.61
CA PHE A 89 22.62 -29.37 13.37
C PHE A 89 23.59 -30.55 13.42
N ASN A 90 23.55 -31.40 12.39
CA ASN A 90 24.37 -32.60 12.37
C ASN A 90 24.86 -33.01 10.98
N GLN A 91 24.59 -32.25 9.94
CA GLN A 91 25.02 -32.58 8.58
C GLN A 91 26.02 -31.52 8.12
N TYR A 92 27.26 -31.64 8.59
CA TYR A 92 28.27 -30.63 8.30
C TYR A 92 28.59 -30.56 6.81
N GLU A 93 28.25 -31.59 6.04
CA GLU A 93 28.41 -31.56 4.59
C GLU A 93 27.31 -30.77 3.90
N ALA A 94 26.26 -30.39 4.61
CA ALA A 94 25.22 -29.54 4.03
C ALA A 94 25.58 -28.06 4.10
N MET A 95 26.74 -27.74 4.66
CA MET A 95 27.19 -26.37 4.85
C MET A 95 28.52 -26.19 4.16
N SER A 96 28.55 -25.33 3.14
CA SER A 96 29.74 -25.05 2.37
C SER A 96 30.08 -23.57 2.48
N CYS A 97 31.37 -23.27 2.49
CA CYS A 97 31.82 -21.89 2.65
C CYS A 97 33.01 -21.59 1.75
N ASP A 98 33.16 -20.31 1.42
CA ASP A 98 34.30 -19.79 0.69
C ASP A 98 34.67 -18.47 1.34
N PHE A 99 35.88 -18.38 1.88
CA PHE A 99 36.35 -17.16 2.55
C PHE A 99 37.55 -16.54 1.85
N ASN A 100 37.77 -16.87 0.58
CA ASN A 100 38.95 -16.36 -0.10
C ASN A 100 38.95 -14.84 -0.09
N GLY A 101 40.12 -14.27 0.17
CA GLY A 101 40.26 -12.83 0.16
C GLY A 101 39.51 -12.10 1.25
N GLY A 102 38.97 -12.81 2.23
CA GLY A 102 38.24 -12.17 3.31
C GLY A 102 36.75 -12.05 3.10
N LYS A 103 36.22 -12.53 1.98
CA LYS A 103 34.79 -12.45 1.75
C LYS A 103 34.03 -13.43 2.66
N ILE A 104 32.73 -13.22 2.76
CA ILE A 104 31.83 -14.12 3.47
C ILE A 104 30.94 -14.79 2.45
N SER A 105 31.07 -16.10 2.32
CA SER A 105 30.24 -16.88 1.41
C SER A 105 29.88 -18.17 2.14
N VAL A 106 28.62 -18.31 2.52
CA VAL A 106 28.14 -19.45 3.28
C VAL A 106 26.90 -19.99 2.59
N GLN A 107 26.85 -21.30 2.38
CA GLN A 107 25.77 -21.91 1.63
C GLN A 107 25.27 -23.13 2.39
N TYR A 108 23.99 -23.10 2.78
CA TYR A 108 23.34 -24.22 3.41
C TYR A 108 22.51 -24.95 2.35
N ASN A 109 22.78 -26.24 2.17
CA ASN A 109 22.08 -27.05 1.17
C ASN A 109 20.82 -27.59 1.82
N LEU A 110 19.71 -26.89 1.62
CA LEU A 110 18.43 -27.28 2.21
C LEU A 110 17.88 -28.56 1.63
N SER A 111 18.37 -28.97 0.46
CA SER A 111 17.83 -30.14 -0.23
C SER A 111 18.46 -31.45 0.24
N HIS A 112 19.19 -31.45 1.36
CA HIS A 112 19.87 -32.65 1.82
C HIS A 112 18.90 -33.77 2.19
N SER A 113 17.60 -33.49 2.28
CA SER A 113 16.59 -34.50 2.57
C SER A 113 16.59 -35.63 1.54
N HIS A 121 10.32 -34.15 8.12
CA HIS A 121 9.73 -32.81 8.27
C HIS A 121 10.51 -32.02 9.32
N CYS A 122 10.45 -32.48 10.58
CA CYS A 122 11.13 -31.81 11.67
C CYS A 122 12.59 -32.22 11.81
N GLY A 123 12.95 -33.41 11.33
CA GLY A 123 14.32 -33.88 11.36
C GLY A 123 15.15 -33.47 10.16
N THR A 124 14.62 -32.63 9.28
CA THR A 124 15.40 -32.13 8.16
C THR A 124 16.39 -31.09 8.64
N VAL A 125 17.56 -31.07 8.00
CA VAL A 125 18.51 -30.01 8.33
C VAL A 125 17.98 -28.68 7.84
N ALA A 126 17.10 -28.70 6.83
CA ALA A 126 16.48 -27.47 6.34
C ALA A 126 15.60 -26.85 7.41
N ASN A 127 14.86 -27.68 8.13
CA ASN A 127 14.08 -27.19 9.27
C ASN A 127 14.94 -26.31 10.16
N GLY A 128 16.03 -26.87 10.69
CA GLY A 128 16.88 -26.10 11.58
C GLY A 128 17.38 -24.81 10.96
N VAL A 129 17.83 -24.88 9.71
CA VAL A 129 18.35 -23.70 9.04
C VAL A 129 17.27 -22.66 8.86
N LEU A 130 16.10 -23.08 8.37
CA LEU A 130 15.04 -22.12 8.10
C LEU A 130 14.52 -21.48 9.37
N GLN A 131 14.40 -22.25 10.45
CA GLN A 131 14.00 -21.68 11.74
C GLN A 131 14.93 -20.57 12.16
N THR A 132 16.25 -20.80 12.04
CA THR A 132 17.20 -19.75 12.35
C THR A 132 17.05 -18.58 11.40
N PHE A 133 16.82 -18.86 10.11
CA PHE A 133 16.59 -17.77 9.16
C PHE A 133 15.32 -17.02 9.51
N MET A 134 14.28 -17.74 9.94
CA MET A 134 13.03 -17.09 10.34
C MET A 134 13.27 -16.11 11.48
N ARG A 135 14.11 -16.50 12.44
CA ARG A 135 14.26 -15.68 13.63
C ARG A 135 15.12 -14.46 13.35
N MET A 136 16.09 -14.56 12.44
CA MET A 136 17.01 -13.46 12.22
C MET A 136 16.47 -12.41 11.25
N ALA A 137 15.70 -12.83 10.24
CA ALA A 137 14.98 -11.90 9.36
C ALA A 137 13.56 -11.65 9.84
N TRP A 138 13.37 -11.53 11.15
CA TRP A 138 12.05 -11.63 11.78
C TRP A 138 11.06 -10.60 11.21
N GLY A 139 11.53 -9.37 10.96
CA GLY A 139 10.68 -8.32 10.45
C GLY A 139 9.73 -8.70 9.32
N GLY A 140 10.29 -9.09 8.18
CA GLY A 140 9.48 -9.44 7.05
C GLY A 140 9.76 -10.83 6.49
N SER A 141 10.21 -11.76 7.34
CA SER A 141 10.44 -13.13 6.90
C SER A 141 9.15 -13.90 6.60
N TYR A 142 7.99 -13.39 7.01
CA TYR A 142 6.77 -14.14 6.81
C TYR A 142 6.44 -14.32 5.33
N ILE A 143 6.94 -13.45 4.45
CA ILE A 143 6.70 -13.62 3.01
C ILE A 143 7.70 -14.56 2.35
N ALA A 144 8.72 -15.02 3.08
CA ALA A 144 9.68 -15.94 2.50
C ALA A 144 9.07 -17.33 2.33
N LEU A 145 8.48 -17.87 3.40
CA LEU A 145 7.83 -19.17 3.36
C LEU A 145 6.43 -19.06 3.92
N ASP A 146 5.69 -20.17 3.89
CA ASP A 146 4.33 -20.22 4.40
C ASP A 146 4.29 -20.64 5.87
N ASN A 151 3.48 -26.53 11.96
CA ASN A 151 3.74 -27.96 12.12
C ASN A 151 4.67 -28.22 13.30
N TRP A 152 4.32 -27.68 14.47
CA TRP A 152 5.18 -27.69 15.65
C TRP A 152 6.47 -26.89 15.39
N ASP A 153 6.28 -25.69 14.82
CA ASP A 153 7.36 -24.76 14.49
C ASP A 153 8.17 -25.24 13.28
N CYS A 154 8.02 -26.50 12.88
CA CYS A 154 8.84 -27.05 11.81
C CYS A 154 8.37 -26.51 10.46
N ILE A 155 9.34 -26.11 9.63
CA ILE A 155 9.06 -25.38 8.40
C ILE A 155 9.60 -26.15 7.21
N MET A 156 9.00 -25.91 6.05
CA MET A 156 9.45 -26.47 4.79
C MET A 156 9.61 -25.35 3.78
N THR A 157 10.39 -25.61 2.74
CA THR A 157 10.50 -24.68 1.62
C THR A 157 10.84 -25.44 0.35
N SER A 158 10.31 -24.94 -0.76
CA SER A 158 10.64 -25.48 -2.07
C SER A 158 12.01 -25.01 -2.56
N TYR A 159 12.56 -23.96 -1.96
CA TYR A 159 13.89 -23.49 -2.31
C TYR A 159 14.93 -24.53 -1.90
N GLN A 160 16.04 -24.55 -2.64
CA GLN A 160 17.06 -25.57 -2.43
C GLN A 160 18.24 -25.09 -1.61
N TYR A 161 18.49 -23.78 -1.54
CA TYR A 161 19.68 -23.28 -0.87
C TYR A 161 19.37 -22.02 -0.08
N LEU A 162 19.97 -21.89 1.10
CA LEU A 162 20.09 -20.61 1.78
C LEU A 162 21.54 -20.15 1.64
N ILE A 163 21.73 -18.99 1.03
CA ILE A 163 23.06 -18.43 0.78
C ILE A 163 23.22 -17.18 1.63
N ILE A 164 24.37 -17.06 2.28
CA ILE A 164 24.72 -15.89 3.10
C ILE A 164 26.01 -15.32 2.55
N GLN A 165 25.92 -14.15 1.93
CA GLN A 165 27.07 -13.48 1.32
C GLN A 165 27.14 -12.04 1.83
N ASN A 166 28.36 -11.55 2.01
CA ASN A 166 28.52 -10.14 2.34
C ASN A 166 28.10 -9.28 1.15
N THR A 167 27.54 -8.11 1.45
CA THR A 167 27.04 -7.22 0.42
C THR A 167 27.44 -5.79 0.77
N THR A 168 27.05 -4.87 -0.09
CA THR A 168 27.29 -3.45 0.12
C THR A 168 26.11 -2.80 0.81
N TRP A 169 26.36 -1.64 1.41
CA TRP A 169 25.30 -0.85 2.00
C TRP A 169 24.53 -0.14 0.88
N GLU A 170 23.31 -0.59 0.64
CA GLU A 170 22.41 0.02 -0.33
C GLU A 170 21.01 0.06 0.28
N ASP A 171 20.04 0.55 -0.49
CA ASP A 171 18.65 0.61 -0.03
C ASP A 171 17.97 -0.75 -0.18
N HIS A 172 18.47 -1.74 0.55
CA HIS A 172 17.95 -3.10 0.41
C HIS A 172 16.58 -3.27 1.06
N CYS A 173 16.25 -2.44 2.05
CA CYS A 173 15.06 -2.66 2.88
C CYS A 173 13.82 -2.13 2.17
N GLN A 174 13.49 -2.80 1.07
CA GLN A 174 12.41 -2.36 0.20
C GLN A 174 11.05 -2.95 0.55
N PHE A 175 10.98 -3.98 1.40
CA PHE A 175 9.71 -4.55 1.83
C PHE A 175 9.41 -4.30 3.29
N SER A 176 10.41 -4.42 4.16
CA SER A 176 10.26 -4.17 5.58
C SER A 176 11.33 -3.19 6.04
N ARG A 177 10.97 -2.37 7.01
CA ARG A 177 11.94 -1.39 7.49
C ARG A 177 12.95 -2.07 8.42
N PRO A 178 14.17 -1.54 8.48
CA PRO A 178 15.21 -2.18 9.30
C PRO A 178 14.79 -2.29 10.77
N SER A 179 15.12 -3.42 11.38
CA SER A 179 14.87 -3.68 12.78
C SER A 179 16.05 -4.43 13.38
N PRO A 180 16.36 -4.19 14.66
CA PRO A 180 17.41 -4.96 15.36
C PRO A 180 16.91 -6.14 16.17
N ILE A 181 15.60 -6.36 16.22
CA ILE A 181 15.04 -7.32 17.19
C ILE A 181 15.43 -8.74 16.81
N GLY A 182 15.30 -9.08 15.52
CA GLY A 182 15.63 -10.42 15.09
C GLY A 182 17.02 -10.86 15.50
N TYR A 183 18.02 -9.99 15.31
CA TYR A 183 19.37 -10.34 15.71
C TYR A 183 19.51 -10.42 17.23
N LEU A 184 19.02 -9.40 17.94
CA LEU A 184 19.23 -9.36 19.39
C LEU A 184 18.51 -10.51 20.09
N CYS A 185 17.38 -10.96 19.55
CA CYS A 185 16.67 -12.05 20.19
C CYS A 185 17.24 -13.40 19.81
N LEU A 186 18.01 -13.48 18.73
CA LEU A 186 18.68 -14.73 18.40
C LEU A 186 19.86 -15.02 19.32
N LEU A 187 20.42 -13.98 19.96
CA LEU A 187 21.67 -14.13 20.70
C LEU A 187 21.57 -15.17 21.81
N SER A 188 20.36 -15.40 22.35
CA SER A 188 20.19 -16.37 23.42
C SER A 188 20.15 -17.80 22.91
N GLN A 189 19.84 -18.01 21.62
CA GLN A 189 19.76 -19.35 21.06
C GLN A 189 21.14 -19.94 20.73
N ARG A 190 22.20 -19.14 20.76
CA ARG A 190 23.54 -19.66 20.53
C ARG A 190 23.86 -20.79 21.50
N THR A 191 24.55 -21.81 20.99
CA THR A 191 24.96 -23.00 21.76
C THR A 191 23.79 -23.60 22.56
N ARG A 192 22.58 -23.49 22.02
CA ARG A 192 21.39 -24.12 22.58
C ARG A 192 20.86 -25.14 21.59
N ASP A 193 20.48 -26.31 22.10
CA ASP A 193 20.15 -27.45 21.24
C ASP A 193 21.28 -27.75 20.26
N ILE A 194 22.53 -27.66 20.73
CA ILE A 194 23.72 -27.99 19.94
C ILE A 194 24.21 -29.36 20.39
N TYR A 195 24.67 -30.16 19.43
CA TYR A 195 25.08 -31.52 19.69
C TYR A 195 26.56 -31.58 20.02
N ILE A 196 26.92 -32.54 20.86
CA ILE A 196 28.33 -32.81 21.17
C ILE A 196 28.99 -33.53 20.00
N SER A 197 30.24 -33.18 19.72
CA SER A 197 31.01 -33.85 18.67
C SER A 197 32.46 -34.08 19.09
N ASP B 1 -24.40 -15.06 42.38
CA ASP B 1 -25.39 -15.64 41.47
C ASP B 1 -24.72 -16.32 40.29
N GLU B 2 -25.52 -16.71 39.29
CA GLU B 2 -24.98 -17.26 38.06
C GLU B 2 -24.71 -16.14 37.06
N VAL B 3 -23.73 -16.37 36.20
CA VAL B 3 -23.30 -15.37 35.22
C VAL B 3 -24.32 -15.34 34.07
N GLN B 4 -25.12 -14.28 34.02
CA GLN B 4 -26.20 -14.23 33.05
C GLN B 4 -26.53 -12.79 32.68
N LEU B 5 -27.25 -12.65 31.57
CA LEU B 5 -27.79 -11.38 31.11
C LEU B 5 -29.30 -11.51 31.02
N VAL B 6 -30.02 -10.64 31.72
CA VAL B 6 -31.47 -10.75 31.81
C VAL B 6 -32.09 -9.75 30.85
N GLN B 7 -32.73 -10.27 29.81
CA GLN B 7 -33.32 -9.45 28.76
C GLN B 7 -34.64 -8.85 29.21
N SER B 8 -34.96 -7.69 28.63
CA SER B 8 -36.25 -7.03 28.82
C SER B 8 -36.57 -6.23 27.58
N GLY B 9 -37.84 -5.91 27.42
CA GLY B 9 -38.28 -5.09 26.30
C GLY B 9 -38.81 -5.93 25.16
N GLY B 10 -39.09 -5.24 24.07
CA GLY B 10 -39.57 -5.89 22.87
C GLY B 10 -41.08 -5.84 22.76
N GLY B 11 -41.55 -6.34 21.62
CA GLY B 11 -42.96 -6.35 21.36
C GLY B 11 -43.30 -5.94 19.95
N LEU B 12 -44.46 -5.33 19.77
CA LEU B 12 -45.04 -5.06 18.47
C LEU B 12 -45.18 -3.56 18.27
N VAL B 13 -44.73 -3.08 17.10
CA VAL B 13 -44.80 -1.68 16.74
C VAL B 13 -45.10 -1.58 15.25
N ARG B 14 -45.68 -0.44 14.87
CA ARG B 14 -45.89 -0.20 13.45
C ARG B 14 -44.64 0.39 12.83
N PRO B 15 -44.49 0.25 11.51
CA PRO B 15 -43.37 0.91 10.82
C PRO B 15 -43.23 2.36 11.23
N GLY B 16 -41.98 2.81 11.40
CA GLY B 16 -41.67 4.14 11.89
C GLY B 16 -41.66 4.27 13.39
N GLY B 17 -42.19 3.27 14.11
CA GLY B 17 -42.27 3.32 15.55
C GLY B 17 -40.93 3.11 16.21
N SER B 18 -40.97 3.00 17.54
CA SER B 18 -39.76 2.85 18.32
C SER B 18 -39.93 1.77 19.37
N LEU B 19 -38.81 1.20 19.79
CA LEU B 19 -38.77 0.15 20.81
C LEU B 19 -37.43 0.23 21.51
N ARG B 20 -37.44 0.12 22.83
CA ARG B 20 -36.22 0.15 23.64
C ARG B 20 -35.99 -1.24 24.21
N LEU B 21 -34.91 -1.88 23.79
CA LEU B 21 -34.48 -3.15 24.34
C LEU B 21 -33.44 -2.90 25.42
N SER B 22 -33.51 -3.67 26.49
CA SER B 22 -32.59 -3.52 27.60
C SER B 22 -32.19 -4.91 28.06
N CYS B 23 -31.14 -4.94 28.87
CA CYS B 23 -30.51 -6.21 29.19
C CYS B 23 -29.62 -5.95 30.40
N ALA B 24 -29.98 -6.53 31.54
CA ALA B 24 -29.28 -6.28 32.79
C ALA B 24 -28.39 -7.45 33.16
N ALA B 25 -27.18 -7.13 33.61
CA ALA B 25 -26.20 -8.14 33.97
C ALA B 25 -26.45 -8.66 35.38
N ALA B 26 -26.06 -9.91 35.61
CA ALA B 26 -26.18 -10.55 36.91
C ALA B 26 -24.97 -11.44 37.14
N GLY B 27 -24.30 -11.24 38.28
CA GLY B 27 -23.22 -12.12 38.66
C GLY B 27 -21.96 -12.01 37.83
N PHE B 28 -21.64 -10.82 37.31
CA PHE B 28 -20.35 -10.61 36.67
C PHE B 28 -20.07 -9.13 36.56
N THR B 29 -18.78 -8.77 36.54
CA THR B 29 -18.38 -7.38 36.54
C THR B 29 -18.69 -6.73 35.20
N PHE B 30 -19.91 -6.20 35.10
CA PHE B 30 -20.44 -5.68 33.83
C PHE B 30 -19.51 -4.67 33.19
N LYS B 31 -18.86 -3.82 33.99
CA LYS B 31 -18.07 -2.73 33.44
C LYS B 31 -16.81 -3.22 32.74
N SER B 32 -16.36 -4.44 33.04
CA SER B 32 -15.14 -4.96 32.41
C SER B 32 -15.33 -5.26 30.93
N TYR B 33 -16.57 -5.46 30.46
CA TYR B 33 -16.84 -6.11 29.19
C TYR B 33 -17.46 -5.16 28.17
N SER B 34 -17.10 -5.35 26.90
CA SER B 34 -17.88 -4.77 25.83
C SER B 34 -19.22 -5.48 25.75
N MET B 35 -20.19 -4.82 25.10
CA MET B 35 -21.54 -5.35 25.00
C MET B 35 -21.96 -5.29 23.55
N ASN B 36 -22.84 -6.20 23.16
CA ASN B 36 -23.19 -6.39 21.76
C ASN B 36 -24.67 -6.70 21.64
N TRP B 37 -25.23 -6.38 20.48
CA TRP B 37 -26.58 -6.77 20.11
C TRP B 37 -26.53 -7.56 18.81
N VAL B 38 -27.19 -8.72 18.81
CA VAL B 38 -27.26 -9.60 17.65
C VAL B 38 -28.72 -9.97 17.46
N ARG B 39 -29.17 -9.98 16.20
CA ARG B 39 -30.55 -10.33 15.88
C ARG B 39 -30.57 -11.46 14.85
N GLN B 40 -31.72 -12.14 14.78
CA GLN B 40 -31.99 -13.15 13.77
C GLN B 40 -33.37 -12.90 13.20
N ALA B 41 -33.42 -12.32 12.01
CA ALA B 41 -34.68 -12.19 11.30
C ALA B 41 -35.16 -13.58 10.89
N PRO B 42 -36.48 -13.78 10.80
CA PRO B 42 -37.00 -15.12 10.53
C PRO B 42 -36.50 -15.65 9.19
N GLY B 43 -36.14 -16.94 9.19
CA GLY B 43 -35.64 -17.60 8.00
C GLY B 43 -34.24 -17.24 7.58
N ARG B 44 -33.62 -16.26 8.22
CA ARG B 44 -32.27 -15.85 7.90
C ARG B 44 -31.33 -16.28 9.03
N GLY B 45 -30.11 -15.75 9.01
CA GLY B 45 -29.06 -16.17 9.91
C GLY B 45 -28.79 -15.16 11.00
N LEU B 46 -27.77 -15.46 11.79
CA LEU B 46 -27.33 -14.51 12.81
C LEU B 46 -26.74 -13.28 12.15
N GLU B 47 -27.06 -12.11 12.69
CA GLU B 47 -26.63 -10.85 12.11
C GLU B 47 -26.32 -9.87 13.23
N TRP B 48 -25.13 -9.28 13.20
CA TRP B 48 -24.71 -8.34 14.23
C TRP B 48 -25.40 -7.00 14.02
N VAL B 49 -25.85 -6.39 15.12
CA VAL B 49 -26.58 -5.13 15.07
C VAL B 49 -25.72 -3.97 15.54
N SER B 50 -25.19 -4.04 16.76
CA SER B 50 -24.39 -2.95 17.26
C SER B 50 -23.60 -3.42 18.48
N SER B 51 -22.62 -2.61 18.88
CA SER B 51 -21.72 -2.95 19.97
C SER B 51 -21.25 -1.68 20.66
N ILE B 52 -20.86 -1.83 21.92
CA ILE B 52 -20.37 -0.71 22.72
C ILE B 52 -19.21 -1.18 23.58
N THR B 53 -18.15 -0.37 23.64
CA THR B 53 -16.98 -0.76 24.42
C THR B 53 -17.33 -0.78 25.91
N SER B 54 -16.38 -1.28 26.70
CA SER B 54 -16.63 -1.50 28.12
C SER B 54 -16.95 -0.19 28.83
N GLY B 55 -16.27 0.89 28.47
CA GLY B 55 -16.47 2.16 29.14
C GLY B 55 -17.35 3.13 28.38
N GLY B 56 -18.11 2.61 27.40
CA GLY B 56 -18.99 3.44 26.61
C GLY B 56 -18.31 4.41 25.67
N SER B 57 -16.98 4.45 25.63
CA SER B 57 -16.28 5.41 24.79
C SER B 57 -16.60 5.23 23.32
N LYS B 58 -16.78 3.99 22.89
CA LYS B 58 -16.98 3.71 21.48
C LYS B 58 -18.26 2.90 21.29
N THR B 59 -19.01 3.26 20.26
CA THR B 59 -20.17 2.50 19.81
C THR B 59 -20.03 2.25 18.32
N TYR B 60 -20.49 1.10 17.88
CA TYR B 60 -20.42 0.71 16.48
C TYR B 60 -21.78 0.17 16.05
N TYR B 61 -22.13 0.41 14.78
CA TYR B 61 -23.42 -0.02 14.27
C TYR B 61 -23.25 -0.71 12.93
N ALA B 62 -24.02 -1.78 12.73
CA ALA B 62 -24.21 -2.32 11.39
C ALA B 62 -24.79 -1.24 10.47
N ASP B 63 -24.37 -1.27 9.20
CA ASP B 63 -24.79 -0.22 8.28
C ASP B 63 -26.30 -0.17 8.12
N VAL B 64 -26.99 -1.29 8.33
CA VAL B 64 -28.43 -1.36 8.10
C VAL B 64 -29.20 -0.55 9.14
N VAL B 65 -28.66 -0.41 10.35
CA VAL B 65 -29.38 0.24 11.44
C VAL B 65 -28.75 1.57 11.83
N LYS B 66 -27.75 2.04 11.09
CA LYS B 66 -27.09 3.30 11.42
C LYS B 66 -28.08 4.46 11.35
N GLY B 67 -27.99 5.36 12.33
CA GLY B 67 -28.85 6.51 12.40
C GLY B 67 -30.24 6.26 12.92
N ARG B 68 -30.67 5.00 12.96
CA ARG B 68 -31.95 4.62 13.55
C ARG B 68 -31.78 4.02 14.94
N PHE B 69 -30.74 3.23 15.15
CA PHE B 69 -30.50 2.53 16.40
C PHE B 69 -29.43 3.26 17.20
N THR B 70 -29.58 3.26 18.52
CA THR B 70 -28.60 3.89 19.41
C THR B 70 -28.36 2.98 20.59
N VAL B 71 -27.11 2.49 20.72
CA VAL B 71 -26.74 1.61 21.81
C VAL B 71 -26.13 2.46 22.93
N SER B 72 -26.34 2.04 24.16
CA SER B 72 -25.85 2.77 25.32
C SER B 72 -25.82 1.83 26.51
N ARG B 73 -25.08 2.24 27.54
CA ARG B 73 -24.96 1.43 28.74
C ARG B 73 -24.92 2.33 29.96
N ASP B 74 -25.22 1.72 31.10
CA ASP B 74 -25.16 2.37 32.41
C ASP B 74 -24.42 1.40 33.32
N ASN B 75 -23.12 1.61 33.50
CA ASN B 75 -22.34 0.67 34.30
C ASN B 75 -22.75 0.69 35.76
N ALA B 76 -23.24 1.83 36.26
CA ALA B 76 -23.71 1.89 37.63
C ALA B 76 -24.90 0.95 37.83
N LYS B 77 -25.86 0.98 36.90
CA LYS B 77 -26.98 0.05 36.92
C LYS B 77 -26.64 -1.29 36.29
N GLN B 78 -25.42 -1.46 35.77
CA GLN B 78 -24.99 -2.68 35.10
C GLN B 78 -25.97 -3.09 34.02
N SER B 79 -26.31 -2.15 33.13
CA SER B 79 -27.37 -2.33 32.17
C SER B 79 -26.93 -1.90 30.78
N LEU B 80 -27.57 -2.50 29.78
CA LEU B 80 -27.28 -2.25 28.37
C LEU B 80 -28.59 -1.96 27.66
N TYR B 81 -28.59 -0.94 26.79
CA TYR B 81 -29.80 -0.50 26.11
C TYR B 81 -29.58 -0.46 24.61
N LEU B 82 -30.67 -0.72 23.88
CA LEU B 82 -30.72 -0.50 22.44
C LEU B 82 -32.00 0.26 22.14
N GLN B 83 -31.86 1.50 21.69
CA GLN B 83 -33.00 2.34 21.32
C GLN B 83 -33.18 2.22 19.81
N MET B 84 -34.15 1.41 19.39
CA MET B 84 -34.46 1.26 17.97
C MET B 84 -35.54 2.26 17.60
N ASN B 85 -35.19 3.22 16.76
CA ASN B 85 -36.12 4.21 16.24
C ASN B 85 -36.25 4.02 14.73
N SER B 86 -37.31 4.60 14.17
CA SER B 86 -37.58 4.50 12.74
C SER B 86 -37.55 3.04 12.28
N LEU B 87 -38.38 2.22 12.91
CA LEU B 87 -38.33 0.79 12.68
C LEU B 87 -38.91 0.44 11.31
N ARG B 88 -38.34 -0.59 10.71
CA ARG B 88 -38.78 -1.10 9.42
C ARG B 88 -39.31 -2.51 9.57
N ALA B 89 -40.09 -2.95 8.59
CA ALA B 89 -40.64 -4.31 8.66
C ALA B 89 -39.53 -5.35 8.66
N GLU B 90 -38.42 -5.08 7.96
CA GLU B 90 -37.32 -6.03 7.94
C GLU B 90 -36.59 -6.09 9.28
N ASP B 91 -36.84 -5.14 10.19
CA ASP B 91 -36.25 -5.21 11.52
C ASP B 91 -36.92 -6.25 12.40
N THR B 92 -37.96 -6.93 11.91
CA THR B 92 -38.56 -8.03 12.66
C THR B 92 -37.55 -9.16 12.82
N ALA B 93 -37.36 -9.58 14.06
CA ALA B 93 -36.32 -10.54 14.41
C ALA B 93 -36.44 -10.84 15.90
N ILE B 94 -35.73 -11.87 16.32
CA ILE B 94 -35.40 -12.03 17.72
C ILE B 94 -34.08 -11.29 17.94
N TYR B 95 -33.90 -10.75 19.14
CA TYR B 95 -32.73 -9.95 19.45
C TYR B 95 -32.03 -10.55 20.66
N PHE B 96 -30.70 -10.48 20.67
CA PHE B 96 -29.89 -11.01 21.76
C PHE B 96 -28.86 -9.97 22.19
N CYS B 97 -28.63 -9.87 23.49
CA CYS B 97 -27.48 -9.18 24.04
C CYS B 97 -26.42 -10.20 24.39
N ALA B 98 -25.16 -9.81 24.22
CA ALA B 98 -24.05 -10.70 24.48
C ALA B 98 -22.84 -9.89 24.88
N ARG B 99 -22.09 -10.39 25.86
CA ARG B 99 -20.88 -9.71 26.27
C ARG B 99 -19.69 -10.15 25.45
N SER B 100 -18.65 -9.32 25.46
CA SER B 100 -17.39 -9.63 24.83
C SER B 100 -16.33 -8.76 25.50
N LEU B 101 -15.07 -9.16 25.35
CA LEU B 101 -13.97 -8.39 25.87
C LEU B 101 -12.88 -8.31 24.81
N HIS B 102 -12.45 -7.09 24.49
CA HIS B 102 -11.56 -6.85 23.36
C HIS B 102 -10.23 -6.35 23.91
N SER B 103 -9.34 -7.30 24.17
CA SER B 103 -8.00 -7.04 24.67
C SER B 103 -7.04 -7.98 23.97
N THR B 104 -5.76 -7.61 23.96
CA THR B 104 -4.76 -8.46 23.32
C THR B 104 -4.53 -9.75 24.10
N SER B 105 -5.06 -9.87 25.31
CA SER B 105 -4.87 -11.06 26.12
C SER B 105 -5.87 -12.17 25.78
N GLN B 106 -6.99 -11.84 25.16
CA GLN B 106 -8.00 -12.83 24.85
C GLN B 106 -8.30 -12.79 23.35
N PRO B 107 -8.73 -13.92 22.79
CA PRO B 107 -9.41 -13.88 21.49
C PRO B 107 -10.71 -13.09 21.58
N SER B 108 -11.34 -12.88 20.44
CA SER B 108 -12.66 -12.28 20.40
C SER B 108 -13.73 -13.37 20.46
N TYR B 109 -14.77 -13.14 21.26
CA TYR B 109 -15.84 -14.11 21.41
C TYR B 109 -17.00 -13.48 22.18
N MET B 110 -18.18 -14.07 22.02
CA MET B 110 -19.38 -13.71 22.77
C MET B 110 -19.73 -14.87 23.68
N ASP B 111 -19.30 -14.82 24.94
CA ASP B 111 -19.49 -15.98 25.79
C ASP B 111 -20.85 -15.99 26.48
N VAL B 112 -21.31 -14.87 27.00
CA VAL B 112 -22.55 -14.81 27.79
C VAL B 112 -23.62 -14.11 26.97
N TRP B 113 -24.75 -14.79 26.78
CA TRP B 113 -25.84 -14.30 25.96
C TRP B 113 -27.11 -14.19 26.80
N GLY B 114 -27.94 -13.20 26.47
CA GLY B 114 -29.26 -13.14 27.04
C GLY B 114 -30.22 -14.02 26.28
N ARG B 115 -31.44 -14.13 26.81
CA ARG B 115 -32.44 -14.88 26.09
C ARG B 115 -33.06 -14.02 24.99
N LYS B 116 -33.84 -14.65 24.13
CA LYS B 116 -34.35 -13.95 22.94
C LYS B 116 -35.33 -12.84 23.32
N ILE B 117 -35.26 -11.74 22.58
CA ILE B 117 -36.22 -10.64 22.67
C ILE B 117 -36.95 -10.58 21.34
N THR B 118 -38.28 -10.70 21.39
CA THR B 118 -39.08 -10.75 20.17
C THR B 118 -39.49 -9.35 19.75
N VAL B 119 -39.17 -8.98 18.52
CA VAL B 119 -39.51 -7.68 17.95
C VAL B 119 -40.29 -7.96 16.67
N ILE B 120 -41.51 -7.42 16.60
CA ILE B 120 -42.37 -7.55 15.42
C ILE B 120 -42.70 -6.14 14.95
N VAL B 121 -42.40 -5.86 13.67
CA VAL B 121 -42.69 -4.56 13.08
C VAL B 121 -43.66 -4.80 11.93
N SER B 122 -44.89 -4.34 12.09
CA SER B 122 -45.91 -4.60 11.09
C SER B 122 -47.00 -3.54 11.20
N SER B 123 -47.68 -3.31 10.08
CA SER B 123 -48.86 -2.46 10.06
C SER B 123 -50.13 -3.22 10.40
N ALA B 124 -50.06 -4.55 10.50
CA ALA B 124 -51.24 -5.35 10.71
C ALA B 124 -51.80 -5.12 12.11
N SER B 125 -53.12 -5.24 12.22
CA SER B 125 -53.81 -5.21 13.50
C SER B 125 -53.91 -6.62 14.04
N THR B 126 -53.87 -6.76 15.36
CA THR B 126 -54.04 -8.07 15.97
C THR B 126 -55.41 -8.64 15.64
N LYS B 127 -55.43 -9.88 15.15
CA LYS B 127 -56.65 -10.48 14.64
C LYS B 127 -56.62 -11.98 14.91
N GLY B 128 -57.69 -12.49 15.50
CA GLY B 128 -57.83 -13.91 15.72
C GLY B 128 -57.91 -14.68 14.42
N PRO B 129 -57.63 -15.97 14.49
CA PRO B 129 -57.61 -16.78 13.27
C PRO B 129 -59.00 -17.24 12.87
N SER B 130 -59.13 -17.56 11.59
CA SER B 130 -60.30 -18.25 11.05
C SER B 130 -59.89 -19.69 10.79
N VAL B 131 -60.57 -20.63 11.42
CA VAL B 131 -60.19 -22.03 11.38
C VAL B 131 -61.13 -22.76 10.42
N PHE B 132 -60.59 -23.27 9.31
CA PHE B 132 -61.36 -24.06 8.37
C PHE B 132 -60.89 -25.51 8.41
N PRO B 133 -61.80 -26.46 8.25
CA PRO B 133 -61.41 -27.87 8.33
C PRO B 133 -60.70 -28.34 7.06
N LEU B 134 -59.85 -29.35 7.25
CA LEU B 134 -59.23 -30.09 6.16
C LEU B 134 -59.81 -31.50 6.22
N ALA B 135 -60.86 -31.75 5.43
CA ALA B 135 -61.61 -32.99 5.55
C ALA B 135 -60.90 -34.12 4.83
N PRO B 136 -60.95 -35.33 5.39
CA PRO B 136 -60.35 -36.48 4.71
C PRO B 136 -61.22 -36.96 3.55
N SER B 137 -60.56 -37.50 2.54
CA SER B 137 -61.26 -37.97 1.34
C SER B 137 -61.17 -39.49 1.22
N GLY B 143 -59.45 -47.26 3.15
CA GLY B 143 -58.43 -48.25 3.43
C GLY B 143 -57.12 -47.64 3.88
N GLY B 144 -56.47 -48.28 4.86
CA GLY B 144 -55.19 -47.79 5.35
C GLY B 144 -55.36 -46.65 6.33
N THR B 145 -54.60 -45.58 6.14
CA THR B 145 -54.69 -44.40 6.99
C THR B 145 -55.13 -43.20 6.17
N ALA B 146 -55.89 -42.32 6.82
CA ALA B 146 -56.35 -41.08 6.23
C ALA B 146 -55.81 -39.90 7.04
N ALA B 147 -55.78 -38.74 6.39
CA ALA B 147 -55.24 -37.52 6.98
C ALA B 147 -56.33 -36.46 7.02
N LEU B 148 -56.52 -35.85 8.19
CA LEU B 148 -57.40 -34.71 8.35
C LEU B 148 -56.65 -33.61 9.10
N GLY B 149 -57.16 -32.39 9.02
CA GLY B 149 -56.46 -31.31 9.67
C GLY B 149 -57.30 -30.06 9.76
N CYS B 150 -56.66 -29.01 10.27
CA CYS B 150 -57.27 -27.69 10.39
C CYS B 150 -56.38 -26.67 9.72
N LEU B 151 -57.01 -25.69 9.07
CA LEU B 151 -56.28 -24.60 8.41
C LEU B 151 -56.52 -23.33 9.24
N VAL B 152 -55.48 -22.87 9.92
CA VAL B 152 -55.55 -21.69 10.76
C VAL B 152 -55.08 -20.50 9.92
N LYS B 153 -56.03 -19.70 9.43
CA LYS B 153 -55.74 -18.68 8.43
C LYS B 153 -55.97 -17.28 8.97
N ASP B 154 -55.16 -16.34 8.47
CA ASP B 154 -55.37 -14.90 8.63
C ASP B 154 -55.39 -14.48 10.10
N TYR B 155 -54.30 -14.78 10.80
CA TYR B 155 -54.13 -14.37 12.18
C TYR B 155 -52.87 -13.54 12.33
N PHE B 156 -52.86 -12.70 13.37
CA PHE B 156 -51.71 -11.87 13.67
C PHE B 156 -51.83 -11.39 15.10
N PRO B 157 -50.73 -11.37 15.88
CA PRO B 157 -49.39 -11.84 15.49
C PRO B 157 -49.21 -13.30 15.84
N GLU B 158 -47.97 -13.77 15.81
CA GLU B 158 -47.70 -15.08 16.34
C GLU B 158 -47.57 -15.01 17.85
N PRO B 159 -47.81 -16.12 18.57
CA PRO B 159 -48.06 -17.48 18.11
C PRO B 159 -49.53 -17.93 18.18
N VAL B 160 -49.77 -19.17 17.73
CA VAL B 160 -51.00 -19.89 18.01
C VAL B 160 -50.63 -21.28 18.51
N THR B 161 -51.49 -21.84 19.34
CA THR B 161 -51.29 -23.17 19.92
C THR B 161 -52.45 -24.04 19.45
N VAL B 162 -52.14 -25.00 18.60
CA VAL B 162 -53.13 -25.94 18.09
C VAL B 162 -52.95 -27.27 18.82
N SER B 163 -54.04 -27.76 19.42
CA SER B 163 -54.09 -29.09 20.01
C SER B 163 -55.26 -29.84 19.40
N TRP B 164 -55.22 -31.16 19.49
CA TRP B 164 -56.24 -32.01 18.87
C TRP B 164 -57.01 -32.78 19.94
N ASN B 165 -58.33 -32.82 19.79
CA ASN B 165 -59.24 -33.49 20.71
C ASN B 165 -58.96 -33.10 22.15
N SER B 166 -58.84 -31.78 22.36
CA SER B 166 -58.67 -31.18 23.68
C SER B 166 -57.46 -31.74 24.42
N GLY B 167 -56.40 -32.06 23.68
CA GLY B 167 -55.16 -32.50 24.25
C GLY B 167 -54.93 -34.01 24.22
N ALA B 168 -55.99 -34.80 24.03
CA ALA B 168 -55.88 -36.25 24.18
C ALA B 168 -55.24 -36.92 22.97
N LEU B 169 -55.32 -36.31 21.79
CA LEU B 169 -54.80 -36.88 20.56
C LEU B 169 -53.51 -36.16 20.18
N THR B 170 -52.38 -36.87 20.30
CA THR B 170 -51.07 -36.29 20.01
C THR B 170 -50.27 -37.07 18.99
N SER B 171 -50.53 -38.36 18.82
CA SER B 171 -49.72 -39.17 17.92
C SER B 171 -49.94 -38.74 16.47
N GLY B 172 -48.83 -38.59 15.74
CA GLY B 172 -48.92 -38.32 14.31
C GLY B 172 -49.45 -36.96 13.94
N VAL B 173 -49.44 -36.02 14.87
CA VAL B 173 -49.85 -34.64 14.60
C VAL B 173 -48.65 -33.87 14.08
N HIS B 174 -48.87 -33.07 13.04
CA HIS B 174 -47.88 -32.13 12.55
C HIS B 174 -48.54 -30.76 12.43
N THR B 175 -48.18 -29.85 13.32
CA THR B 175 -48.56 -28.45 13.18
C THR B 175 -47.41 -27.72 12.49
N PHE B 176 -47.67 -27.23 11.28
CA PHE B 176 -46.63 -26.67 10.44
C PHE B 176 -46.26 -25.26 10.90
N PRO B 177 -45.03 -24.83 10.62
CA PRO B 177 -44.66 -23.43 10.88
C PRO B 177 -45.53 -22.50 10.05
N ALA B 178 -45.79 -21.32 10.59
CA ALA B 178 -46.67 -20.37 9.93
C ALA B 178 -45.93 -19.65 8.81
N VAL B 179 -46.66 -19.36 7.73
CA VAL B 179 -46.14 -18.57 6.63
C VAL B 179 -46.74 -17.18 6.74
N LEU B 180 -45.94 -16.17 6.47
CA LEU B 180 -46.39 -14.79 6.49
C LEU B 180 -46.93 -14.46 5.10
N GLN B 181 -48.25 -14.34 4.99
CA GLN B 181 -48.85 -14.07 3.70
C GLN B 181 -48.62 -12.60 3.29
N SER B 182 -48.82 -12.34 2.00
CA SER B 182 -48.63 -10.99 1.47
C SER B 182 -49.50 -9.96 2.16
N SER B 183 -50.62 -10.38 2.75
CA SER B 183 -51.54 -9.48 3.44
C SER B 183 -50.92 -8.89 4.71
N GLY B 184 -49.85 -9.47 5.20
CA GLY B 184 -49.32 -9.11 6.50
C GLY B 184 -49.77 -10.02 7.62
N LEU B 185 -50.62 -11.00 7.31
CA LEU B 185 -51.19 -11.92 8.28
C LEU B 185 -50.58 -13.31 8.13
N TYR B 186 -50.65 -14.08 9.19
CA TYR B 186 -50.05 -15.42 9.22
C TYR B 186 -51.10 -16.48 8.92
N SER B 187 -50.61 -17.63 8.44
CA SER B 187 -51.47 -18.78 8.18
C SER B 187 -50.67 -20.05 8.41
N LEU B 188 -51.33 -21.06 8.95
CA LEU B 188 -50.70 -22.36 9.16
C LEU B 188 -51.75 -23.45 9.03
N SER B 189 -51.27 -24.68 8.92
CA SER B 189 -52.12 -25.86 8.91
C SER B 189 -51.59 -26.84 9.94
N SER B 190 -52.50 -27.48 10.66
CA SER B 190 -52.17 -28.59 11.54
C SER B 190 -52.85 -29.83 11.00
N VAL B 191 -52.09 -30.89 10.78
CA VAL B 191 -52.61 -32.13 10.23
C VAL B 191 -52.37 -33.26 11.21
N VAL B 192 -53.15 -34.32 11.06
CA VAL B 192 -52.97 -35.55 11.82
C VAL B 192 -53.44 -36.71 10.97
N THR B 193 -52.65 -37.78 10.93
CA THR B 193 -53.04 -38.99 10.24
C THR B 193 -53.68 -39.95 11.25
N VAL B 194 -54.80 -40.54 10.85
CA VAL B 194 -55.54 -41.46 11.71
C VAL B 194 -55.95 -42.67 10.90
N PRO B 195 -56.20 -43.80 11.56
CA PRO B 195 -56.70 -44.98 10.84
C PRO B 195 -58.05 -44.69 10.19
N SER B 196 -58.15 -45.01 8.90
CA SER B 196 -59.38 -44.74 8.14
C SER B 196 -60.60 -45.35 8.81
N SER B 197 -60.44 -46.49 9.48
CA SER B 197 -61.56 -47.16 10.13
C SER B 197 -62.22 -46.26 11.18
N SER B 198 -61.42 -45.45 11.87
CA SER B 198 -61.93 -44.63 12.97
C SER B 198 -62.61 -43.34 12.49
N LEU B 199 -62.77 -43.15 11.18
CA LEU B 199 -63.37 -41.91 10.68
C LEU B 199 -64.81 -41.77 11.13
N GLY B 200 -65.55 -42.87 11.21
CA GLY B 200 -66.92 -42.83 11.64
C GLY B 200 -67.12 -42.89 13.15
N THR B 201 -66.31 -43.69 13.84
CA THR B 201 -66.51 -43.86 15.27
C THR B 201 -66.00 -42.65 16.06
N GLN B 202 -64.81 -42.14 15.73
CA GLN B 202 -64.16 -41.13 16.55
C GLN B 202 -64.38 -39.73 15.99
N THR B 203 -64.66 -38.77 16.89
CA THR B 203 -64.80 -37.37 16.53
C THR B 203 -63.46 -36.65 16.65
N TYR B 204 -63.22 -35.68 15.78
CA TYR B 204 -61.92 -35.04 15.67
C TYR B 204 -62.07 -33.53 15.76
N ILE B 205 -61.51 -32.93 16.81
CA ILE B 205 -61.61 -31.50 17.06
C ILE B 205 -60.19 -30.94 17.12
N CYS B 206 -59.94 -29.84 16.41
CA CYS B 206 -58.75 -29.04 16.61
C CYS B 206 -59.11 -27.86 17.50
N ASN B 207 -58.21 -27.53 18.42
CA ASN B 207 -58.41 -26.45 19.37
C ASN B 207 -57.34 -25.40 19.12
N VAL B 208 -57.74 -24.28 18.52
CA VAL B 208 -56.84 -23.21 18.13
C VAL B 208 -56.96 -22.09 19.15
N ASN B 209 -55.90 -21.88 19.93
CA ASN B 209 -55.82 -20.78 20.89
C ASN B 209 -54.84 -19.74 20.36
N HIS B 210 -55.31 -18.50 20.23
CA HIS B 210 -54.50 -17.37 19.81
C HIS B 210 -54.51 -16.34 20.95
N LYS B 211 -53.57 -16.52 21.89
CA LYS B 211 -53.56 -15.68 23.09
C LYS B 211 -53.51 -14.18 22.84
N PRO B 212 -52.80 -13.66 21.83
CA PRO B 212 -52.76 -12.19 21.67
C PRO B 212 -54.09 -11.54 21.31
N SER B 213 -55.03 -12.29 20.72
CA SER B 213 -56.33 -11.74 20.35
C SER B 213 -57.46 -12.28 21.21
N ASN B 214 -57.13 -13.01 22.28
CA ASN B 214 -58.10 -13.62 23.18
C ASN B 214 -59.13 -14.43 22.41
N THR B 215 -58.63 -15.31 21.54
CA THR B 215 -59.48 -16.15 20.69
C THR B 215 -59.16 -17.62 20.95
N LYS B 216 -60.20 -18.40 21.24
CA LYS B 216 -60.12 -19.84 21.38
C LYS B 216 -61.22 -20.45 20.50
N VAL B 217 -60.82 -21.10 19.41
CA VAL B 217 -61.75 -21.65 18.43
C VAL B 217 -61.57 -23.17 18.40
N ASP B 218 -62.69 -23.89 18.43
CA ASP B 218 -62.73 -25.34 18.27
C ASP B 218 -63.52 -25.65 17.01
N LYS B 219 -63.00 -26.53 16.16
CA LYS B 219 -63.65 -26.84 14.89
C LYS B 219 -63.73 -28.34 14.67
N ARG B 220 -64.93 -28.84 14.37
CA ARG B 220 -65.14 -30.23 13.99
C ARG B 220 -64.66 -30.46 12.56
N VAL B 221 -63.78 -31.43 12.36
CA VAL B 221 -63.43 -31.91 11.04
C VAL B 221 -64.15 -33.25 10.84
N GLU B 222 -64.92 -33.34 9.77
CA GLU B 222 -65.73 -34.51 9.47
C GLU B 222 -65.62 -34.80 7.99
N PRO B 223 -65.86 -36.05 7.57
CA PRO B 223 -65.67 -36.41 6.16
C PRO B 223 -66.66 -35.71 5.25
N LYS B 224 -66.35 -35.75 3.95
CA LYS B 224 -67.17 -35.15 2.90
C LYS B 224 -67.43 -33.66 3.16
N ASP C 2 -16.43 -5.34 2.06
CA ASP C 2 -16.79 -5.95 3.33
C ASP C 2 -16.45 -7.43 3.38
N ILE C 3 -16.06 -7.90 4.56
CA ILE C 3 -15.71 -9.30 4.74
C ILE C 3 -16.96 -10.16 4.54
N VAL C 4 -16.77 -11.34 3.96
CA VAL C 4 -17.84 -12.30 3.74
C VAL C 4 -17.35 -13.66 4.20
N LEU C 5 -18.08 -14.29 5.12
CA LEU C 5 -17.76 -15.62 5.60
C LEU C 5 -18.74 -16.59 4.96
N THR C 6 -18.23 -17.50 4.13
CA THR C 6 -19.05 -18.47 3.43
C THR C 6 -18.80 -19.86 4.01
N GLN C 7 -19.79 -20.37 4.74
CA GLN C 7 -19.70 -21.70 5.30
C GLN C 7 -20.12 -22.74 4.26
N SER C 8 -19.59 -23.96 4.43
CA SER C 8 -19.92 -25.04 3.50
C SER C 8 -19.78 -26.36 4.24
N PRO C 9 -20.68 -27.32 4.02
CA PRO C 9 -21.84 -27.17 3.13
C PRO C 9 -22.96 -26.38 3.80
N GLY C 10 -23.97 -25.99 3.02
CA GLY C 10 -25.13 -25.36 3.62
C GLY C 10 -25.86 -26.31 4.56
N THR C 11 -25.97 -27.57 4.16
CA THR C 11 -26.59 -28.61 4.96
C THR C 11 -25.67 -29.82 4.94
N LEU C 12 -25.28 -30.29 6.11
CA LEU C 12 -24.42 -31.44 6.26
C LEU C 12 -25.27 -32.58 6.83
N SER C 13 -25.50 -33.62 6.03
CA SER C 13 -26.37 -34.73 6.42
C SER C 13 -25.51 -35.93 6.83
N LEU C 14 -25.54 -36.24 8.12
CA LEU C 14 -24.74 -37.33 8.67
C LEU C 14 -25.53 -38.10 9.71
N SER C 15 -25.17 -39.38 9.91
CA SER C 15 -25.80 -40.20 10.93
C SER C 15 -25.12 -39.99 12.27
N PRO C 16 -25.77 -40.36 13.37
CA PRO C 16 -25.10 -40.27 14.67
C PRO C 16 -23.84 -41.12 14.70
N GLY C 17 -22.77 -40.54 15.24
CA GLY C 17 -21.52 -41.24 15.44
C GLY C 17 -20.48 -41.06 14.35
N GLU C 18 -20.64 -40.08 13.46
CA GLU C 18 -19.68 -39.84 12.39
C GLU C 18 -19.01 -38.48 12.54
N ARG C 19 -17.85 -38.35 11.89
CA ARG C 19 -17.11 -37.09 11.94
C ARG C 19 -17.82 -36.04 11.09
N ALA C 20 -18.08 -34.89 11.68
CA ALA C 20 -18.66 -33.75 10.99
C ALA C 20 -17.58 -32.70 10.80
N THR C 21 -17.34 -32.31 9.55
CA THR C 21 -16.32 -31.32 9.21
C THR C 21 -17.01 -30.12 8.59
N LEU C 22 -17.14 -29.05 9.37
CA LEU C 22 -17.80 -27.83 8.92
C LEU C 22 -16.75 -26.80 8.52
N SER C 23 -16.99 -26.13 7.40
CA SER C 23 -16.00 -25.24 6.82
C SER C 23 -16.52 -23.81 6.78
N CYS C 24 -15.57 -22.88 6.83
CA CYS C 24 -15.85 -21.45 6.80
C CYS C 24 -14.72 -20.81 6.00
N ARG C 25 -15.07 -20.18 4.88
CA ARG C 25 -14.10 -19.49 4.04
C ARG C 25 -14.36 -17.99 4.07
N ALA C 26 -13.30 -17.22 4.23
CA ALA C 26 -13.41 -15.78 4.38
C ALA C 26 -13.10 -15.04 3.08
N SER C 27 -13.72 -13.88 2.91
CA SER C 27 -13.43 -13.01 1.79
C SER C 27 -11.94 -12.68 1.71
N GLN C 28 -11.41 -12.04 2.74
CA GLN C 28 -10.00 -11.70 2.86
C GLN C 28 -9.30 -12.67 3.82
N SER C 29 -7.98 -12.54 3.90
CA SER C 29 -7.21 -13.28 4.89
C SER C 29 -7.40 -12.64 6.25
N VAL C 30 -7.56 -13.45 7.28
CA VAL C 30 -7.91 -12.95 8.61
C VAL C 30 -7.00 -13.56 9.67
N ILE C 31 -6.97 -12.89 10.82
CA ILE C 31 -6.19 -13.32 11.97
C ILE C 31 -6.98 -14.38 12.73
N SER C 32 -6.38 -15.57 12.89
CA SER C 32 -7.09 -16.70 13.48
C SER C 32 -7.63 -16.39 14.86
N TYR C 33 -6.94 -15.51 15.61
CA TYR C 33 -7.33 -15.20 16.98
C TYR C 33 -8.76 -14.68 17.09
N TYR C 34 -9.35 -14.20 16.00
CA TYR C 34 -10.67 -13.59 16.06
C TYR C 34 -11.72 -14.37 15.28
N VAL C 35 -11.49 -15.67 15.08
CA VAL C 35 -12.44 -16.56 14.44
C VAL C 35 -13.13 -17.38 15.54
N ALA C 36 -14.46 -17.41 15.51
CA ALA C 36 -15.22 -18.08 16.54
C ALA C 36 -16.34 -18.88 15.91
N TRP C 37 -16.72 -19.97 16.59
CA TRP C 37 -17.79 -20.85 16.15
C TRP C 37 -18.90 -20.84 17.18
N TYR C 38 -20.14 -20.98 16.70
CA TYR C 38 -21.29 -20.95 17.60
C TYR C 38 -22.29 -22.02 17.19
N GLN C 39 -22.83 -22.71 18.18
CA GLN C 39 -23.97 -23.59 17.97
C GLN C 39 -25.24 -22.80 18.26
N HIS C 40 -26.29 -23.07 17.50
CA HIS C 40 -27.58 -22.40 17.71
C HIS C 40 -28.70 -23.42 17.54
N LYS C 41 -29.26 -23.85 18.65
CA LYS C 41 -30.53 -24.56 18.63
C LYS C 41 -31.68 -23.55 18.67
N GLY C 42 -32.84 -23.99 18.20
CA GLY C 42 -33.94 -23.05 18.00
C GLY C 42 -34.46 -22.48 19.30
N GLY C 43 -34.71 -23.35 20.28
CA GLY C 43 -35.31 -22.97 21.54
C GLY C 43 -34.43 -22.20 22.52
N GLN C 44 -33.23 -21.79 22.14
CA GLN C 44 -32.34 -21.08 23.06
C GLN C 44 -31.48 -20.10 22.26
N ALA C 45 -30.54 -19.45 22.96
CA ALA C 45 -29.58 -18.47 22.50
C ALA C 45 -28.30 -19.15 22.00
N PRO C 46 -27.61 -18.53 21.04
CA PRO C 46 -26.38 -19.12 20.53
C PRO C 46 -25.41 -19.48 21.64
N ARG C 47 -24.64 -20.53 21.38
CA ARG C 47 -23.70 -21.09 22.35
C ARG C 47 -22.30 -21.02 21.75
N LEU C 48 -21.40 -20.38 22.46
CA LEU C 48 -20.02 -20.29 22.01
C LEU C 48 -19.35 -21.65 22.14
N LEU C 49 -18.87 -22.18 21.01
CA LEU C 49 -18.17 -23.47 20.98
C LEU C 49 -16.66 -23.28 20.91
N ILE C 50 -16.19 -22.57 19.90
CA ILE C 50 -14.76 -22.38 19.69
C ILE C 50 -14.49 -20.89 19.58
N TYR C 51 -13.42 -20.44 20.24
CA TYR C 51 -12.91 -19.09 20.08
C TYR C 51 -11.41 -19.17 19.82
N GLY C 52 -10.86 -18.08 19.26
CA GLY C 52 -9.45 -18.07 18.92
C GLY C 52 -9.05 -19.14 17.95
N ALA C 53 -9.96 -19.52 17.05
CA ALA C 53 -9.79 -20.57 16.05
C ALA C 53 -9.77 -21.97 16.66
N SER C 54 -9.14 -22.16 17.83
CA SER C 54 -8.95 -23.51 18.34
C SER C 54 -9.24 -23.71 19.82
N SER C 55 -9.53 -22.65 20.59
CA SER C 55 -9.84 -22.81 22.01
C SER C 55 -11.28 -23.24 22.17
N ARG C 56 -11.51 -24.25 23.00
CA ARG C 56 -12.85 -24.78 23.25
C ARG C 56 -13.41 -24.15 24.53
N ALA C 57 -14.61 -23.59 24.43
CA ALA C 57 -15.24 -22.89 25.54
C ALA C 57 -15.65 -23.86 26.64
N THR C 58 -15.86 -23.31 27.84
CA THR C 58 -16.24 -24.12 28.99
C THR C 58 -17.62 -24.71 28.80
N GLY C 59 -17.75 -26.01 29.08
CA GLY C 59 -18.98 -26.72 28.85
C GLY C 59 -19.06 -27.43 27.51
N VAL C 60 -18.13 -27.15 26.60
CA VAL C 60 -18.14 -27.79 25.29
C VAL C 60 -17.49 -29.16 25.41
N PRO C 61 -18.11 -30.23 24.90
CA PRO C 61 -17.70 -31.59 25.27
C PRO C 61 -16.61 -32.24 24.42
N ASP C 62 -15.58 -31.48 24.02
CA ASP C 62 -14.31 -32.03 23.52
C ASP C 62 -14.38 -32.75 22.19
N ARG C 63 -15.55 -33.26 21.82
CA ARG C 63 -15.68 -33.71 20.43
C ARG C 63 -15.57 -32.53 19.48
N PHE C 64 -15.98 -31.34 19.93
CA PHE C 64 -15.86 -30.12 19.14
C PHE C 64 -14.41 -29.64 19.14
N SER C 65 -13.89 -29.37 17.95
CA SER C 65 -12.52 -28.90 17.79
C SER C 65 -12.51 -27.78 16.75
N GLY C 66 -11.49 -26.95 16.82
CA GLY C 66 -11.31 -25.90 15.83
C GLY C 66 -9.91 -25.89 15.27
N SER C 67 -9.82 -25.55 14.00
CA SER C 67 -8.53 -25.39 13.34
C SER C 67 -8.72 -24.45 12.16
N GLY C 68 -7.59 -24.01 11.59
CA GLY C 68 -7.67 -23.13 10.43
C GLY C 68 -6.64 -22.02 10.46
N SER C 69 -6.44 -21.39 9.31
CA SER C 69 -5.45 -20.34 9.17
C SER C 69 -5.72 -19.57 7.88
N GLY C 70 -5.32 -18.30 7.88
CA GLY C 70 -5.46 -17.49 6.69
C GLY C 70 -6.90 -17.20 6.30
N THR C 71 -7.45 -18.05 5.42
CA THR C 71 -8.80 -17.86 4.92
C THR C 71 -9.71 -19.06 5.09
N ASP C 72 -9.18 -20.23 5.45
CA ASP C 72 -9.96 -21.46 5.57
C ASP C 72 -9.97 -21.91 7.02
N PHE C 73 -11.17 -22.04 7.59
CA PHE C 73 -11.31 -22.44 8.98
C PHE C 73 -12.27 -23.62 9.09
N THR C 74 -12.05 -24.44 10.11
CA THR C 74 -12.74 -25.71 10.24
C THR C 74 -13.26 -25.90 11.65
N LEU C 75 -14.52 -26.29 11.76
CA LEU C 75 -15.10 -26.82 12.99
C LEU C 75 -15.35 -28.30 12.79
N THR C 76 -14.90 -29.12 13.73
CA THR C 76 -15.00 -30.57 13.59
C THR C 76 -15.66 -31.14 14.83
N ILE C 77 -16.65 -32.00 14.60
CA ILE C 77 -17.23 -32.83 15.65
C ILE C 77 -16.84 -34.27 15.34
N SER C 78 -16.16 -34.92 16.28
CA SER C 78 -15.57 -36.24 16.02
C SER C 78 -16.63 -37.33 15.96
N SER C 79 -17.55 -37.37 16.93
CA SER C 79 -18.61 -38.38 16.99
C SER C 79 -19.93 -37.66 17.22
N LEU C 80 -20.69 -37.44 16.14
CA LEU C 80 -21.96 -36.75 16.24
C LEU C 80 -22.88 -37.46 17.22
N GLU C 81 -23.38 -36.69 18.19
CA GLU C 81 -24.29 -37.15 19.22
C GLU C 81 -25.68 -36.54 19.00
N PRO C 82 -26.73 -37.11 19.61
CA PRO C 82 -28.10 -36.65 19.25
C PRO C 82 -28.31 -35.16 19.40
N GLU C 83 -27.78 -34.57 20.47
CA GLU C 83 -27.92 -33.14 20.69
C GLU C 83 -27.04 -32.30 19.77
N ASP C 84 -26.15 -32.92 18.98
CA ASP C 84 -25.23 -32.16 18.15
C ASP C 84 -25.84 -31.70 16.83
N PHE C 85 -27.10 -32.03 16.56
CA PHE C 85 -27.73 -31.71 15.29
C PHE C 85 -28.46 -30.38 15.43
N ALA C 86 -27.85 -29.32 14.90
CA ALA C 86 -28.42 -27.99 14.99
C ALA C 86 -27.74 -27.11 13.95
N LEU C 87 -27.83 -25.79 14.14
CA LEU C 87 -27.19 -24.82 13.28
C LEU C 87 -25.83 -24.44 13.87
N TYR C 88 -24.88 -24.12 12.98
CA TYR C 88 -23.55 -23.71 13.42
C TYR C 88 -23.11 -22.49 12.60
N TYR C 89 -22.52 -21.51 13.27
CA TYR C 89 -22.11 -20.26 12.65
C TYR C 89 -20.65 -19.97 12.98
N CYS C 90 -19.90 -19.53 11.98
CA CYS C 90 -18.56 -19.01 12.20
C CYS C 90 -18.66 -17.49 12.31
N GLN C 91 -17.61 -16.90 12.89
CA GLN C 91 -17.65 -15.50 13.26
C GLN C 91 -16.26 -14.91 13.17
N TYR C 92 -16.16 -13.69 12.64
CA TYR C 92 -14.89 -12.95 12.62
C TYR C 92 -15.11 -11.54 13.12
N TYR C 93 -14.25 -11.10 14.03
CA TYR C 93 -14.33 -9.78 14.65
C TYR C 93 -13.15 -8.92 14.18
N GLY C 94 -13.43 -7.68 13.80
CA GLY C 94 -12.36 -6.75 13.51
C GLY C 94 -12.41 -6.05 12.16
N SER C 95 -13.10 -6.64 11.18
CA SER C 95 -13.19 -6.02 9.87
C SER C 95 -14.47 -5.20 9.76
N SER C 96 -15.05 -5.14 8.56
CA SER C 96 -16.33 -4.51 8.34
C SER C 96 -17.25 -5.52 7.67
N PRO C 97 -18.36 -5.93 8.30
CA PRO C 97 -18.92 -5.50 9.58
C PRO C 97 -18.01 -5.80 10.76
N LEU C 98 -18.17 -5.05 11.86
CA LEU C 98 -17.35 -5.29 13.05
C LEU C 98 -17.41 -6.75 13.49
N TRP C 99 -18.61 -7.33 13.50
CA TRP C 99 -18.80 -8.75 13.75
C TRP C 99 -19.41 -9.35 12.49
N ALA C 100 -18.65 -10.20 11.80
CA ALA C 100 -19.16 -10.89 10.63
C ALA C 100 -19.57 -12.31 10.99
N PHE C 101 -20.67 -12.77 10.40
CA PHE C 101 -21.17 -14.12 10.61
C PHE C 101 -21.20 -14.87 9.28
N GLY C 102 -21.17 -16.20 9.39
CA GLY C 102 -21.48 -17.03 8.26
C GLY C 102 -22.97 -17.21 8.10
N GLN C 103 -23.37 -17.69 6.92
CA GLN C 103 -24.79 -17.93 6.69
C GLN C 103 -25.29 -19.15 7.45
N GLY C 104 -24.39 -19.89 8.11
CA GLY C 104 -24.79 -21.02 8.90
C GLY C 104 -24.72 -22.34 8.15
N THR C 105 -24.32 -23.39 8.86
CA THR C 105 -24.40 -24.74 8.34
C THR C 105 -25.35 -25.52 9.26
N LYS C 106 -26.28 -26.25 8.64
CA LYS C 106 -27.17 -27.14 9.37
C LYS C 106 -26.64 -28.56 9.25
N VAL C 107 -26.44 -29.22 10.38
CA VAL C 107 -26.19 -30.66 10.41
C VAL C 107 -27.49 -31.35 10.75
N GLU C 108 -27.88 -32.30 9.91
CA GLU C 108 -29.12 -33.05 10.07
C GLU C 108 -28.79 -34.53 10.20
N ILE C 109 -29.78 -35.29 10.64
CA ILE C 109 -29.63 -36.74 10.74
C ILE C 109 -29.84 -37.34 9.36
N LYS C 110 -28.86 -38.09 8.87
CA LYS C 110 -29.05 -38.85 7.65
C LYS C 110 -29.87 -40.10 7.95
N ARG C 111 -30.82 -40.39 7.07
CA ARG C 111 -31.81 -41.44 7.25
C ARG C 111 -31.87 -42.27 5.97
N THR C 112 -32.51 -43.43 6.04
CA THR C 112 -32.90 -44.09 4.80
C THR C 112 -33.89 -43.21 4.07
N VAL C 113 -33.88 -43.29 2.75
CA VAL C 113 -34.81 -42.50 1.95
C VAL C 113 -36.22 -43.00 2.21
N ALA C 114 -37.11 -42.07 2.59
CA ALA C 114 -38.51 -42.37 2.86
C ALA C 114 -39.37 -41.57 1.89
N ALA C 115 -40.35 -42.24 1.28
CA ALA C 115 -41.13 -41.51 0.29
C ALA C 115 -42.27 -40.76 0.96
N PRO C 116 -42.61 -39.57 0.46
CA PRO C 116 -43.75 -38.84 1.01
C PRO C 116 -45.05 -39.58 0.73
N SER C 117 -45.97 -39.48 1.67
CA SER C 117 -47.34 -39.93 1.47
C SER C 117 -48.19 -38.68 1.23
N VAL C 118 -48.68 -38.53 0.00
CA VAL C 118 -49.34 -37.31 -0.45
C VAL C 118 -50.83 -37.36 -0.13
N PHE C 119 -51.36 -36.22 0.31
CA PHE C 119 -52.79 -36.02 0.52
C PHE C 119 -53.17 -34.64 -0.02
N ILE C 120 -54.31 -34.55 -0.70
CA ILE C 120 -54.83 -33.28 -1.16
C ILE C 120 -56.13 -32.98 -0.42
N PHE C 121 -56.32 -31.71 -0.07
CA PHE C 121 -57.50 -31.27 0.67
C PHE C 121 -58.23 -30.19 -0.12
N PRO C 122 -59.50 -30.40 -0.47
CA PRO C 122 -60.26 -29.36 -1.16
C PRO C 122 -60.57 -28.21 -0.23
N PRO C 123 -60.92 -27.04 -0.76
CA PRO C 123 -61.30 -25.92 0.10
C PRO C 123 -62.62 -26.21 0.80
N SER C 124 -62.71 -25.78 2.07
CA SER C 124 -63.95 -25.93 2.81
C SER C 124 -65.00 -24.95 2.28
N ASP C 125 -66.27 -25.26 2.56
CA ASP C 125 -67.35 -24.41 2.06
C ASP C 125 -67.44 -23.10 2.84
N GLU C 126 -67.08 -23.10 4.13
CA GLU C 126 -67.02 -21.85 4.88
C GLU C 126 -66.08 -20.86 4.22
N GLN C 127 -64.91 -21.34 3.77
CA GLN C 127 -63.94 -20.48 3.11
C GLN C 127 -64.52 -19.88 1.84
N LEU C 128 -65.24 -20.68 1.05
CA LEU C 128 -65.86 -20.17 -0.16
C LEU C 128 -66.92 -19.12 0.17
N LYS C 129 -67.72 -19.36 1.22
CA LYS C 129 -68.68 -18.36 1.66
C LYS C 129 -68.02 -17.05 2.06
N SER C 130 -66.69 -17.04 2.28
CA SER C 130 -65.95 -15.84 2.61
C SER C 130 -65.29 -15.16 1.40
N GLY C 131 -64.98 -15.91 0.34
CA GLY C 131 -64.48 -15.31 -0.88
C GLY C 131 -63.06 -15.68 -1.27
N THR C 132 -62.39 -16.55 -0.51
CA THR C 132 -61.07 -17.04 -0.88
C THR C 132 -61.05 -18.56 -0.74
N ALA C 133 -60.22 -19.20 -1.55
CA ALA C 133 -60.10 -20.66 -1.57
C ALA C 133 -58.65 -21.06 -1.35
N SER C 134 -58.41 -21.88 -0.32
CA SER C 134 -57.10 -22.44 -0.03
C SER C 134 -57.21 -23.95 -0.16
N VAL C 135 -56.58 -24.50 -1.18
CA VAL C 135 -56.46 -25.95 -1.32
C VAL C 135 -55.07 -26.35 -0.83
N VAL C 136 -55.02 -27.35 0.04
CA VAL C 136 -53.81 -27.73 0.75
C VAL C 136 -53.34 -29.09 0.27
N CYS C 137 -52.04 -29.21 0.01
CA CYS C 137 -51.41 -30.47 -0.37
C CYS C 137 -50.39 -30.83 0.70
N LEU C 138 -50.49 -32.03 1.25
CA LEU C 138 -49.66 -32.46 2.38
C LEU C 138 -48.72 -33.59 1.97
N LEU C 139 -47.44 -33.43 2.28
CA LEU C 139 -46.42 -34.45 2.03
C LEU C 139 -45.92 -34.92 3.39
N ASN C 140 -46.23 -36.16 3.75
CA ASN C 140 -46.05 -36.62 5.12
C ASN C 140 -44.95 -37.66 5.24
N ASN C 141 -44.03 -37.42 6.18
CA ASN C 141 -43.04 -38.39 6.66
C ASN C 141 -42.12 -38.87 5.53
N PHE C 142 -41.31 -37.94 5.04
CA PHE C 142 -40.37 -38.24 3.98
C PHE C 142 -38.97 -37.79 4.37
N TYR C 143 -37.98 -38.34 3.65
CA TYR C 143 -36.58 -37.96 3.76
C TYR C 143 -35.92 -38.38 2.47
N PRO C 144 -35.02 -37.56 1.89
CA PRO C 144 -34.53 -36.26 2.37
C PRO C 144 -35.56 -35.13 2.23
N ARG C 145 -35.16 -33.93 2.66
CA ARG C 145 -36.09 -32.81 2.74
C ARG C 145 -36.46 -32.28 1.37
N GLU C 146 -35.57 -32.42 0.39
CA GLU C 146 -35.81 -31.88 -0.94
C GLU C 146 -37.04 -32.51 -1.56
N ALA C 147 -38.05 -31.70 -1.83
CA ALA C 147 -39.25 -32.18 -2.51
C ALA C 147 -39.80 -31.04 -3.37
N LYS C 148 -40.31 -31.41 -4.54
CA LYS C 148 -40.88 -30.45 -5.48
C LYS C 148 -42.39 -30.66 -5.51
N VAL C 149 -43.14 -29.58 -5.28
CA VAL C 149 -44.59 -29.59 -5.37
C VAL C 149 -44.99 -28.71 -6.53
N GLN C 150 -45.75 -29.26 -7.46
CA GLN C 150 -46.26 -28.52 -8.61
C GLN C 150 -47.78 -28.48 -8.54
N TRP C 151 -48.34 -27.27 -8.50
CA TRP C 151 -49.77 -27.07 -8.49
C TRP C 151 -50.26 -26.95 -9.93
N LYS C 152 -51.19 -27.81 -10.33
CA LYS C 152 -51.80 -27.76 -11.64
C LYS C 152 -53.31 -27.64 -11.49
N VAL C 153 -53.90 -26.68 -12.21
CA VAL C 153 -55.34 -26.49 -12.23
C VAL C 153 -55.80 -26.60 -13.67
N ASP C 154 -56.75 -27.50 -13.92
CA ASP C 154 -57.18 -27.81 -15.28
C ASP C 154 -55.98 -28.11 -16.17
N ASN C 155 -54.96 -28.74 -15.58
CA ASN C 155 -53.72 -29.12 -16.26
C ASN C 155 -52.95 -27.88 -16.73
N ALA C 156 -52.84 -26.89 -15.85
CA ALA C 156 -52.09 -25.67 -16.13
C ALA C 156 -51.14 -25.41 -14.98
N LEU C 157 -49.85 -25.26 -15.29
CA LEU C 157 -48.85 -25.04 -14.26
C LEU C 157 -49.08 -23.70 -13.57
N GLN C 158 -49.02 -23.70 -12.24
CA GLN C 158 -49.27 -22.51 -11.44
C GLN C 158 -47.99 -22.07 -10.76
N SER C 159 -47.72 -20.76 -10.82
CA SER C 159 -46.53 -20.19 -10.21
C SER C 159 -46.89 -18.87 -9.55
N GLY C 160 -46.41 -18.68 -8.32
CA GLY C 160 -46.61 -17.45 -7.60
C GLY C 160 -47.81 -17.39 -6.68
N ASN C 161 -48.62 -18.44 -6.62
CA ASN C 161 -49.84 -18.45 -5.82
C ASN C 161 -49.83 -19.56 -4.77
N SER C 162 -48.65 -19.92 -4.27
CA SER C 162 -48.54 -21.05 -3.35
C SER C 162 -47.35 -20.86 -2.44
N GLN C 163 -47.58 -20.94 -1.13
CA GLN C 163 -46.52 -20.91 -0.13
C GLN C 163 -46.32 -22.31 0.45
N GLU C 164 -45.08 -22.63 0.77
CA GLU C 164 -44.73 -23.91 1.38
C GLU C 164 -44.29 -23.70 2.82
N SER C 165 -44.34 -24.79 3.59
CA SER C 165 -43.88 -24.76 4.97
C SER C 165 -43.47 -26.17 5.35
N VAL C 166 -42.30 -26.31 5.99
CA VAL C 166 -41.76 -27.61 6.35
C VAL C 166 -41.59 -27.69 7.86
N THR C 167 -41.93 -28.85 8.42
CA THR C 167 -41.66 -29.12 9.82
C THR C 167 -40.16 -29.39 10.01
N GLU C 168 -39.73 -29.35 11.27
CA GLU C 168 -38.37 -29.74 11.58
C GLU C 168 -38.30 -31.25 11.73
N GLN C 169 -37.10 -31.79 11.54
CA GLN C 169 -36.90 -33.24 11.58
C GLN C 169 -37.53 -33.83 12.82
N ASP C 170 -38.33 -34.87 12.63
CA ASP C 170 -39.00 -35.51 13.76
C ASP C 170 -37.97 -36.16 14.66
N SER C 171 -38.11 -35.94 15.97
CA SER C 171 -37.11 -36.42 16.92
C SER C 171 -37.00 -37.93 16.94
N LYS C 172 -38.08 -38.64 16.57
CA LYS C 172 -38.06 -40.11 16.59
C LYS C 172 -37.55 -40.67 15.27
N ASP C 173 -38.30 -40.47 14.18
CA ASP C 173 -38.01 -41.13 12.92
C ASP C 173 -37.28 -40.25 11.91
N SER C 174 -36.87 -39.03 12.32
CA SER C 174 -36.01 -38.16 11.50
C SER C 174 -36.64 -37.76 10.17
N THR C 175 -37.96 -37.85 10.05
CA THR C 175 -38.62 -37.53 8.79
C THR C 175 -39.08 -36.08 8.76
N TYR C 176 -39.40 -35.61 7.56
CA TYR C 176 -39.94 -34.28 7.33
C TYR C 176 -41.38 -34.39 6.85
N SER C 177 -42.12 -33.30 7.05
CA SER C 177 -43.44 -33.15 6.45
C SER C 177 -43.58 -31.73 5.90
N LEU C 178 -44.29 -31.61 4.79
CA LEU C 178 -44.40 -30.35 4.06
C LEU C 178 -45.85 -30.14 3.64
N SER C 179 -46.27 -28.88 3.64
CA SER C 179 -47.60 -28.48 3.17
C SER C 179 -47.45 -27.35 2.15
N SER C 180 -48.14 -27.49 1.02
CA SER C 180 -48.26 -26.44 0.02
C SER C 180 -49.68 -25.91 0.03
N THR C 181 -49.83 -24.60 0.13
CA THR C 181 -51.14 -23.97 0.17
C THR C 181 -51.33 -23.09 -1.06
N LEU C 182 -52.16 -23.58 -2.00
CA LEU C 182 -52.57 -22.78 -3.14
C LEU C 182 -53.74 -21.91 -2.72
N THR C 183 -53.61 -20.60 -2.87
CA THR C 183 -54.61 -19.64 -2.42
C THR C 183 -55.16 -18.90 -3.64
N LEU C 184 -56.46 -19.12 -3.91
CA LEU C 184 -57.13 -18.51 -5.04
C LEU C 184 -58.41 -17.83 -4.56
N SER C 185 -58.81 -16.79 -5.27
CA SER C 185 -60.09 -16.16 -5.00
C SER C 185 -61.22 -17.10 -5.41
N LYS C 186 -62.38 -16.94 -4.75
CA LYS C 186 -63.53 -17.78 -5.09
C LYS C 186 -63.86 -17.69 -6.58
N ALA C 187 -63.71 -16.50 -7.16
CA ALA C 187 -64.00 -16.32 -8.58
C ALA C 187 -63.13 -17.25 -9.42
N ASP C 188 -61.81 -17.18 -9.24
CA ASP C 188 -60.91 -18.04 -10.00
C ASP C 188 -61.03 -19.50 -9.60
N TYR C 189 -61.51 -19.79 -8.39
CA TYR C 189 -61.64 -21.17 -7.95
C TYR C 189 -62.69 -21.91 -8.78
N GLU C 190 -63.84 -21.27 -9.02
CA GLU C 190 -64.90 -21.91 -9.79
C GLU C 190 -64.72 -21.75 -11.30
N LYS C 191 -63.69 -21.03 -11.74
CA LYS C 191 -63.40 -20.99 -13.17
C LYS C 191 -62.91 -22.34 -13.69
N HIS C 192 -62.12 -23.04 -12.89
CA HIS C 192 -61.49 -24.30 -13.29
C HIS C 192 -62.05 -25.45 -12.46
N LYS C 193 -61.91 -26.66 -13.00
CA LYS C 193 -62.61 -27.83 -12.48
C LYS C 193 -61.70 -28.77 -11.68
N VAL C 194 -60.59 -29.22 -12.26
CA VAL C 194 -59.73 -30.22 -11.63
C VAL C 194 -58.53 -29.53 -10.98
N TYR C 195 -58.23 -29.94 -9.75
CA TYR C 195 -57.17 -29.37 -8.93
C TYR C 195 -56.22 -30.48 -8.52
N ALA C 196 -54.92 -30.29 -8.77
CA ALA C 196 -53.94 -31.34 -8.53
C ALA C 196 -52.63 -30.75 -8.03
N CYS C 197 -51.99 -31.43 -7.08
CA CYS C 197 -50.61 -31.19 -6.71
C CYS C 197 -49.76 -32.38 -7.15
N GLU C 198 -48.62 -32.08 -7.76
CA GLU C 198 -47.70 -33.10 -8.28
C GLU C 198 -46.43 -33.07 -7.44
N VAL C 199 -46.08 -34.22 -6.86
CA VAL C 199 -44.95 -34.34 -5.94
C VAL C 199 -43.87 -35.17 -6.61
N THR C 200 -42.65 -34.63 -6.67
CA THR C 200 -41.48 -35.39 -7.12
C THR C 200 -40.48 -35.45 -5.98
N HIS C 201 -40.19 -36.65 -5.50
CA HIS C 201 -39.27 -36.89 -4.41
C HIS C 201 -38.45 -38.11 -4.75
N GLN C 202 -37.19 -38.12 -4.30
CA GLN C 202 -36.32 -39.22 -4.74
C GLN C 202 -36.72 -40.55 -4.11
N GLY C 203 -37.70 -40.57 -3.21
CA GLY C 203 -38.26 -41.81 -2.71
C GLY C 203 -39.40 -42.37 -3.51
N LEU C 204 -39.96 -41.58 -4.42
CA LEU C 204 -41.10 -42.02 -5.23
C LEU C 204 -40.59 -42.73 -6.47
N SER C 205 -41.33 -43.77 -6.88
CA SER C 205 -40.97 -44.48 -8.12
C SER C 205 -41.16 -43.56 -9.33
N SER C 206 -42.28 -42.86 -9.39
CA SER C 206 -42.57 -41.84 -10.40
C SER C 206 -43.29 -40.70 -9.71
N PRO C 207 -43.14 -39.47 -10.23
CA PRO C 207 -43.89 -38.32 -9.68
C PRO C 207 -45.35 -38.62 -9.39
N VAL C 208 -45.76 -38.40 -8.14
CA VAL C 208 -47.11 -38.74 -7.69
C VAL C 208 -48.00 -37.51 -7.80
N THR C 209 -49.20 -37.70 -8.33
CA THR C 209 -50.17 -36.63 -8.46
C THR C 209 -51.44 -37.01 -7.70
N LYS C 210 -51.89 -36.13 -6.83
CA LYS C 210 -53.17 -36.26 -6.15
C LYS C 210 -54.06 -35.13 -6.59
N SER C 211 -55.28 -35.46 -7.01
CA SER C 211 -56.17 -34.48 -7.61
C SER C 211 -57.57 -34.61 -7.02
N PHE C 212 -58.39 -33.60 -7.30
CA PHE C 212 -59.82 -33.67 -7.04
C PHE C 212 -60.54 -32.80 -8.06
N ASN C 213 -61.84 -33.04 -8.21
CA ASN C 213 -62.72 -32.19 -9.01
C ASN C 213 -63.74 -31.57 -8.08
N ARG C 214 -63.95 -30.26 -8.22
CA ARG C 214 -64.89 -29.54 -7.38
C ARG C 214 -66.27 -30.19 -7.40
N GLY C 215 -66.68 -30.79 -6.30
CA GLY C 215 -67.95 -31.50 -6.23
C GLY C 215 -67.82 -32.97 -6.62
N GLN D 1 34.25 14.06 -3.39
CA GLN D 1 35.56 13.52 -3.76
C GLN D 1 35.44 12.53 -4.90
N VAL D 2 34.23 12.01 -5.11
CA VAL D 2 33.96 11.13 -6.23
C VAL D 2 34.11 11.89 -7.54
N GLN D 3 34.55 11.18 -8.58
CA GLN D 3 34.72 11.76 -9.91
C GLN D 3 34.08 10.84 -10.93
N LEU D 4 33.17 11.38 -11.73
CA LEU D 4 32.50 10.64 -12.79
C LEU D 4 32.98 11.14 -14.14
N GLN D 5 33.40 10.21 -15.00
CA GLN D 5 33.88 10.51 -16.34
C GLN D 5 33.13 9.63 -17.33
N GLU D 6 32.51 10.25 -18.33
CA GLU D 6 31.71 9.51 -19.29
C GLU D 6 32.39 9.47 -20.65
N SER D 7 32.12 8.40 -21.39
CA SER D 7 32.78 8.15 -22.66
C SER D 7 31.87 7.28 -23.52
N GLY D 8 32.14 7.28 -24.81
CA GLY D 8 31.40 6.47 -25.74
C GLY D 8 31.28 7.16 -27.08
N ALA D 9 30.66 6.45 -28.02
CA ALA D 9 30.43 7.00 -29.34
C ALA D 9 29.48 8.19 -29.25
N GLY D 10 29.97 9.39 -29.58
CA GLY D 10 29.09 10.53 -29.72
C GLY D 10 28.38 10.64 -31.06
N LEU D 11 28.70 9.75 -32.00
CA LEU D 11 28.11 9.74 -33.34
C LEU D 11 27.29 8.48 -33.51
N VAL D 12 26.00 8.65 -33.79
CA VAL D 12 25.08 7.52 -33.97
C VAL D 12 24.22 7.80 -35.19
N LYS D 13 24.22 6.87 -36.14
CA LYS D 13 23.31 6.98 -37.26
C LYS D 13 21.89 6.62 -36.80
N PRO D 14 20.87 7.27 -37.36
CA PRO D 14 19.49 6.99 -36.95
C PRO D 14 19.15 5.51 -37.03
N SER D 15 18.18 5.09 -36.21
CA SER D 15 17.72 3.71 -36.12
C SER D 15 18.83 2.76 -35.65
N GLU D 16 19.79 3.27 -34.89
CA GLU D 16 20.83 2.44 -34.30
C GLU D 16 20.78 2.58 -32.78
N THR D 17 21.86 2.24 -32.08
CA THR D 17 21.86 2.26 -30.62
C THR D 17 23.01 3.09 -30.09
N LEU D 18 22.69 4.05 -29.22
CA LEU D 18 23.70 4.82 -28.51
C LEU D 18 24.20 4.02 -27.31
N SER D 19 25.51 4.01 -27.13
CA SER D 19 26.16 3.27 -26.05
C SER D 19 27.16 4.19 -25.37
N LEU D 20 26.90 4.52 -24.10
CA LEU D 20 27.80 5.34 -23.31
C LEU D 20 28.14 4.61 -22.02
N SER D 21 29.20 5.09 -21.36
CA SER D 21 29.72 4.46 -20.16
C SER D 21 30.20 5.55 -19.20
N CYS D 22 30.11 5.26 -17.91
CA CYS D 22 30.51 6.18 -16.85
C CYS D 22 31.52 5.51 -15.94
N ALA D 23 32.73 6.05 -15.89
CA ALA D 23 33.77 5.52 -15.01
C ALA D 23 33.72 6.24 -13.68
N VAL D 24 33.44 5.50 -12.61
CA VAL D 24 33.43 6.04 -11.26
C VAL D 24 34.81 5.89 -10.64
N SER D 25 35.30 6.96 -10.02
CA SER D 25 36.64 6.96 -9.43
C SER D 25 36.64 7.84 -8.19
N GLY D 26 37.60 7.59 -7.31
CA GLY D 26 37.70 8.37 -6.09
C GLY D 26 36.61 8.10 -5.08
N GLY D 27 36.02 6.92 -5.12
CA GLY D 27 34.97 6.55 -4.21
C GLY D 27 34.49 5.15 -4.48
N PRO D 28 33.83 4.53 -3.50
CA PRO D 28 33.30 3.17 -3.72
C PRO D 28 32.17 3.19 -4.72
N PHE D 29 32.09 2.12 -5.51
CA PHE D 29 30.97 1.95 -6.44
C PHE D 29 29.81 1.30 -5.69
N SER D 30 29.24 2.08 -4.78
CA SER D 30 28.20 1.57 -3.91
C SER D 30 27.46 2.73 -3.25
N GLY D 31 26.28 2.40 -2.72
CA GLY D 31 25.56 3.35 -1.90
C GLY D 31 24.95 4.50 -2.66
N ALA D 32 24.74 4.37 -3.96
CA ALA D 32 24.21 5.46 -4.74
C ALA D 32 23.37 4.93 -5.88
N TYR D 33 22.50 5.79 -6.39
CA TYR D 33 21.77 5.51 -7.62
C TYR D 33 22.53 6.15 -8.77
N TRP D 34 23.03 5.32 -9.67
CA TRP D 34 23.81 5.82 -10.79
C TRP D 34 22.87 6.29 -11.88
N THR D 35 22.97 7.57 -12.23
CA THR D 35 21.92 8.29 -12.91
C THR D 35 22.42 8.83 -14.24
N TRP D 36 21.56 8.76 -15.25
CA TRP D 36 21.81 9.36 -16.55
C TRP D 36 20.80 10.47 -16.78
N ILE D 37 21.30 11.64 -17.17
CA ILE D 37 20.48 12.82 -17.45
C ILE D 37 21.04 13.49 -18.70
N ARG D 38 20.16 13.87 -19.61
CA ARG D 38 20.57 14.55 -20.82
C ARG D 38 19.96 15.94 -20.88
N GLN D 39 20.61 16.82 -21.64
CA GLN D 39 20.21 18.23 -21.73
C GLN D 39 20.18 18.66 -23.19
N THR D 40 18.98 18.79 -23.73
CA THR D 40 18.83 19.36 -25.06
C THR D 40 18.68 20.88 -24.95
N PRO D 41 19.23 21.64 -25.89
CA PRO D 41 19.13 23.10 -25.79
C PRO D 41 17.70 23.62 -25.93
N GLY D 42 16.85 22.92 -26.69
CA GLY D 42 15.50 23.38 -26.91
C GLY D 42 14.50 22.96 -25.84
N LYS D 43 14.60 21.73 -25.34
CA LYS D 43 13.64 21.18 -24.40
C LYS D 43 14.13 21.12 -22.97
N GLY D 44 15.38 21.52 -22.71
CA GLY D 44 15.88 21.58 -21.35
C GLY D 44 16.48 20.28 -20.85
N LEU D 45 16.35 20.02 -19.55
CA LEU D 45 16.95 18.85 -18.92
C LEU D 45 15.92 17.73 -18.81
N GLU D 46 16.29 16.53 -19.23
CA GLU D 46 15.42 15.37 -19.15
C GLU D 46 16.12 14.25 -18.39
N TRP D 47 15.45 13.75 -17.34
CA TRP D 47 15.96 12.66 -16.54
C TRP D 47 15.78 11.36 -17.30
N ILE D 48 16.87 10.62 -17.50
CA ILE D 48 16.80 9.40 -18.29
C ILE D 48 16.46 8.20 -17.41
N GLY D 49 17.20 7.98 -16.34
CA GLY D 49 16.95 6.81 -15.53
C GLY D 49 17.98 6.64 -14.44
N GLU D 50 17.77 5.59 -13.65
CA GLU D 50 18.50 5.33 -12.42
C GLU D 50 18.76 3.84 -12.30
N ALA D 51 19.95 3.46 -11.84
CA ALA D 51 20.24 2.07 -11.55
C ALA D 51 21.01 2.00 -10.23
N GLY D 52 20.43 1.32 -9.25
CA GLY D 52 21.03 1.17 -7.95
C GLY D 52 21.54 -0.25 -7.75
N ARG D 53 22.65 -0.37 -7.02
CA ARG D 53 23.22 -1.69 -6.78
C ARG D 53 22.27 -2.59 -5.99
N SER D 54 21.26 -2.01 -5.33
CA SER D 54 20.26 -2.80 -4.62
C SER D 54 19.39 -3.61 -5.56
N GLY D 55 19.45 -3.34 -6.86
CA GLY D 55 18.67 -4.06 -7.85
C GLY D 55 17.57 -3.23 -8.47
N THR D 56 17.18 -2.13 -7.82
CA THR D 56 16.11 -1.29 -8.34
C THR D 56 16.60 -0.51 -9.56
N THR D 57 15.82 -0.52 -10.61
CA THR D 57 16.12 0.24 -11.81
C THR D 57 14.82 0.81 -12.34
N ASN D 58 14.73 2.13 -12.41
CA ASN D 58 13.56 2.79 -12.96
C ASN D 58 14.01 3.80 -14.02
N TYR D 59 13.24 3.88 -15.10
CA TYR D 59 13.55 4.72 -16.24
C TYR D 59 12.45 5.77 -16.44
N ASN D 60 12.71 6.71 -17.34
CA ASN D 60 11.70 7.68 -17.73
C ASN D 60 10.71 7.02 -18.68
N PRO D 61 9.40 7.09 -18.41
CA PRO D 61 8.42 6.52 -19.34
C PRO D 61 8.53 7.08 -20.75
N SER D 62 8.94 8.34 -20.90
CA SER D 62 9.09 8.94 -22.22
C SER D 62 10.12 8.21 -23.08
N LEU D 63 11.02 7.46 -22.45
CA LEU D 63 12.02 6.70 -23.21
C LEU D 63 11.49 5.36 -23.69
N LYS D 64 10.27 4.99 -23.28
CA LYS D 64 9.49 3.92 -23.92
C LYS D 64 10.28 2.62 -24.08
N SER D 65 10.90 2.18 -23.00
CA SER D 65 11.52 0.85 -22.93
C SER D 65 12.53 0.64 -24.05
N ARG D 66 13.21 1.70 -24.47
CA ARG D 66 14.35 1.58 -25.37
C ARG D 66 15.65 2.00 -24.69
N VAL D 67 15.61 2.25 -23.38
CA VAL D 67 16.76 2.65 -22.59
C VAL D 67 17.10 1.52 -21.64
N THR D 68 18.40 1.31 -21.39
CA THR D 68 18.87 0.31 -20.43
C THR D 68 20.10 0.87 -19.72
N ILE D 69 20.11 0.75 -18.39
CA ILE D 69 21.21 1.23 -17.56
C ILE D 69 21.74 0.06 -16.76
N SER D 70 22.94 -0.41 -17.11
CA SER D 70 23.59 -1.54 -16.46
C SER D 70 24.69 -1.04 -15.53
N LEU D 71 25.09 -1.91 -14.59
CA LEU D 71 25.94 -1.47 -13.49
C LEU D 71 27.39 -1.93 -13.57
N ASP D 72 27.65 -3.22 -13.82
CA ASP D 72 29.04 -3.73 -13.89
C ASP D 72 29.85 -3.32 -12.66
N THR D 73 29.70 -4.04 -11.55
CA THR D 73 30.36 -3.62 -10.33
C THR D 73 31.87 -3.86 -10.37
N SER D 74 32.34 -4.80 -11.19
CA SER D 74 33.77 -5.14 -11.18
C SER D 74 34.61 -4.00 -11.72
N LYS D 75 34.23 -3.42 -12.86
CA LYS D 75 34.97 -2.32 -13.47
C LYS D 75 34.62 -0.97 -12.89
N SER D 76 33.67 -0.90 -11.95
CA SER D 76 33.22 0.34 -11.33
C SER D 76 32.79 1.36 -12.38
N GLN D 77 31.83 0.92 -13.22
CA GLN D 77 31.39 1.70 -14.36
C GLN D 77 29.94 1.34 -14.68
N PHE D 78 29.04 2.30 -14.64
CA PHE D 78 27.69 2.03 -15.17
C PHE D 78 27.58 2.56 -16.59
N SER D 79 26.63 1.99 -17.32
CA SER D 79 26.53 2.21 -18.75
C SER D 79 25.11 2.65 -19.11
N LEU D 80 25.00 3.35 -20.25
CA LEU D 80 23.72 3.76 -20.80
C LEU D 80 23.62 3.24 -22.22
N LYS D 81 22.50 2.60 -22.54
CA LYS D 81 22.25 2.05 -23.86
C LYS D 81 20.88 2.51 -24.33
N LEU D 82 20.86 3.25 -25.42
CA LEU D 82 19.63 3.79 -26.00
C LEU D 82 19.49 3.24 -27.41
N THR D 83 18.48 2.40 -27.63
CA THR D 83 18.27 1.77 -28.93
C THR D 83 17.24 2.54 -29.75
N SER D 84 17.20 2.22 -31.04
CA SER D 84 16.27 2.83 -32.00
C SER D 84 16.41 4.36 -32.00
N VAL D 85 17.66 4.83 -32.08
CA VAL D 85 17.93 6.25 -31.89
C VAL D 85 17.26 7.07 -33.00
N THR D 86 16.82 8.26 -32.63
CA THR D 86 16.14 9.19 -33.54
C THR D 86 16.89 10.52 -33.52
N ALA D 87 16.46 11.44 -34.38
CA ALA D 87 17.09 12.76 -34.42
C ALA D 87 16.92 13.50 -33.10
N ALA D 88 15.77 13.32 -32.43
CA ALA D 88 15.50 14.04 -31.19
C ALA D 88 16.37 13.56 -30.03
N ASP D 89 16.95 12.37 -30.12
CA ASP D 89 17.82 11.91 -29.04
C ASP D 89 19.18 12.59 -29.05
N THR D 90 19.40 13.61 -29.89
CA THR D 90 20.66 14.34 -29.87
C THR D 90 20.67 15.33 -28.71
N ALA D 91 21.72 15.29 -27.90
CA ALA D 91 21.79 16.10 -26.69
C ALA D 91 23.17 15.93 -26.05
N VAL D 92 23.41 16.68 -24.99
CA VAL D 92 24.53 16.45 -24.08
C VAL D 92 24.08 15.48 -23.01
N TYR D 93 24.83 14.41 -22.80
CA TYR D 93 24.47 13.37 -21.84
C TYR D 93 25.38 13.43 -20.63
N PHE D 94 24.79 13.30 -19.43
CA PHE D 94 25.50 13.51 -18.18
C PHE D 94 25.46 12.27 -17.29
N CYS D 95 26.56 12.06 -16.57
CA CYS D 95 26.65 11.09 -15.48
C CYS D 95 26.03 11.65 -14.20
N GLY D 96 25.56 10.77 -13.35
CA GLY D 96 24.99 11.17 -12.09
C GLY D 96 25.30 10.21 -10.98
N ARG D 97 25.44 10.75 -9.77
CA ARG D 97 25.56 9.96 -8.54
C ARG D 97 24.55 10.51 -7.54
N ARG D 98 23.46 9.80 -7.34
CA ARG D 98 22.51 10.15 -6.29
C ARG D 98 22.87 9.33 -5.05
N GLN D 99 23.40 9.99 -4.03
CA GLN D 99 23.75 9.31 -2.80
C GLN D 99 22.50 8.76 -2.12
N ILE D 100 22.57 7.50 -1.68
CA ILE D 100 21.49 6.87 -0.94
C ILE D 100 21.70 7.15 0.55
N MET D 101 20.64 7.57 1.23
CA MET D 101 20.77 8.02 2.60
C MET D 101 20.10 7.12 3.63
N SER D 102 19.34 6.10 3.20
CA SER D 102 18.64 5.24 4.14
C SER D 102 18.42 3.88 3.52
N LEU D 103 18.47 2.85 4.37
CA LEU D 103 18.21 1.49 3.91
C LEU D 103 16.82 1.36 3.29
N SER D 104 15.88 2.22 3.69
CA SER D 104 14.51 2.18 3.18
C SER D 104 14.13 3.45 2.45
N ASN D 105 15.11 4.29 2.10
CA ASN D 105 14.85 5.57 1.44
C ASN D 105 13.93 6.46 2.27
N LEU D 106 14.07 6.35 3.59
CA LEU D 106 13.33 7.21 4.50
C LEU D 106 13.70 8.68 4.31
N TYR D 107 14.92 8.92 3.88
CA TYR D 107 15.38 10.25 3.50
C TYR D 107 16.10 10.14 2.16
N LYS D 108 15.95 11.17 1.33
CA LYS D 108 16.51 11.16 -0.02
C LYS D 108 17.28 12.45 -0.27
N ARG D 109 18.22 12.35 -1.20
CA ARG D 109 19.09 13.44 -1.59
C ARG D 109 19.16 13.41 -3.11
N PRO D 110 19.23 14.56 -3.78
CA PRO D 110 19.25 14.58 -5.24
C PRO D 110 20.65 14.32 -5.78
N VAL D 111 20.75 14.20 -7.11
CA VAL D 111 22.04 13.98 -7.75
C VAL D 111 22.96 15.14 -7.44
N ASP D 112 24.13 14.84 -6.89
CA ASP D 112 25.06 15.87 -6.44
C ASP D 112 26.32 15.98 -7.27
N SER D 113 26.76 14.89 -7.91
CA SER D 113 28.00 14.86 -8.67
C SER D 113 27.69 14.46 -10.09
N TRP D 114 28.10 15.32 -11.04
CA TRP D 114 27.79 15.14 -12.45
C TRP D 114 29.08 15.05 -13.24
N GLY D 115 29.06 14.24 -14.29
CA GLY D 115 30.18 14.18 -15.21
C GLY D 115 30.32 15.47 -16.00
N ARG D 116 31.33 15.49 -16.87
CA ARG D 116 31.53 16.67 -17.70
C ARG D 116 30.47 16.78 -18.79
N GLY D 117 29.91 15.66 -19.20
CA GLY D 117 28.97 15.64 -20.31
C GLY D 117 29.65 15.35 -21.63
N THR D 118 29.05 14.48 -22.44
CA THR D 118 29.56 14.21 -23.79
C THR D 118 28.51 14.65 -24.81
N PRO D 119 28.84 15.53 -25.74
CA PRO D 119 27.92 15.83 -26.83
C PRO D 119 27.66 14.59 -27.66
N VAL D 120 26.39 14.36 -27.97
CA VAL D 120 25.97 13.24 -28.82
C VAL D 120 25.10 13.78 -29.95
N ILE D 121 25.47 13.46 -31.18
CA ILE D 121 24.75 13.88 -32.38
C ILE D 121 24.18 12.66 -33.08
N VAL D 122 22.97 12.80 -33.62
CA VAL D 122 22.32 11.73 -34.37
C VAL D 122 22.09 12.24 -35.79
N SER D 123 22.82 11.66 -36.76
CA SER D 123 22.66 12.07 -38.14
C SER D 123 23.24 11.00 -39.06
N SER D 124 22.70 10.94 -40.28
CA SER D 124 23.26 10.09 -41.32
C SER D 124 24.47 10.71 -42.00
N ALA D 125 24.80 11.96 -41.66
CA ALA D 125 25.90 12.65 -42.32
C ALA D 125 27.24 12.03 -41.96
N SER D 126 28.18 12.15 -42.89
CA SER D 126 29.53 11.62 -42.72
C SER D 126 30.48 12.72 -42.23
N THR D 127 31.69 12.30 -41.86
CA THR D 127 32.70 13.22 -41.36
C THR D 127 33.34 13.98 -42.51
N LYS D 128 33.40 15.30 -42.39
CA LYS D 128 34.02 16.16 -43.40
C LYS D 128 34.74 17.32 -42.69
N GLY D 129 35.90 17.71 -43.23
CA GLY D 129 36.70 18.74 -42.63
C GLY D 129 36.33 20.14 -43.11
N PRO D 130 36.71 21.16 -42.35
CA PRO D 130 36.23 22.51 -42.65
C PRO D 130 36.94 23.15 -43.83
N SER D 131 36.29 24.17 -44.39
CA SER D 131 36.88 25.09 -45.36
C SER D 131 36.98 26.45 -44.69
N VAL D 132 38.20 26.99 -44.60
CA VAL D 132 38.46 28.21 -43.85
C VAL D 132 38.63 29.34 -44.87
N PHE D 133 37.58 30.13 -45.05
CA PHE D 133 37.56 31.34 -45.86
C PHE D 133 37.70 32.57 -44.97
N PRO D 134 38.50 33.55 -45.36
CA PRO D 134 38.77 34.69 -44.48
C PRO D 134 37.66 35.75 -44.55
N LEU D 135 37.82 36.77 -43.71
CA LEU D 135 36.90 37.90 -43.65
C LEU D 135 37.71 39.16 -43.90
N ALA D 136 37.46 39.82 -45.03
CA ALA D 136 38.28 40.94 -45.49
C ALA D 136 37.82 42.23 -44.83
N PRO D 137 38.70 42.97 -44.14
CA PRO D 137 38.44 44.32 -43.62
C PRO D 137 38.04 45.31 -44.72
N GLY D 145 41.01 54.76 -36.74
CA GLY D 145 39.96 54.00 -36.11
C GLY D 145 40.42 52.64 -35.62
N THR D 146 39.46 51.72 -35.43
CA THR D 146 39.76 50.34 -35.04
C THR D 146 38.87 49.42 -35.88
N ALA D 147 39.43 48.84 -36.94
CA ALA D 147 38.70 47.97 -37.85
C ALA D 147 38.77 46.51 -37.39
N ALA D 148 37.99 45.65 -38.03
CA ALA D 148 37.78 44.28 -37.58
C ALA D 148 37.96 43.29 -38.73
N LEU D 149 38.29 42.06 -38.36
CA LEU D 149 38.57 40.99 -39.31
C LEU D 149 38.23 39.65 -38.65
N GLY D 150 38.20 38.60 -39.46
CA GLY D 150 37.97 37.28 -38.91
C GLY D 150 38.11 36.19 -39.95
N CYS D 151 37.66 35.00 -39.57
CA CYS D 151 37.70 33.81 -40.41
C CYS D 151 36.33 33.13 -40.40
N LEU D 152 35.98 32.49 -41.52
CA LEU D 152 34.74 31.73 -41.64
C LEU D 152 35.06 30.25 -41.83
N VAL D 153 34.61 29.42 -40.89
CA VAL D 153 34.84 28.00 -40.91
C VAL D 153 33.54 27.33 -41.35
N LYS D 154 33.49 26.89 -42.60
CA LYS D 154 32.24 26.49 -43.25
C LYS D 154 32.26 25.01 -43.61
N ASP D 155 31.08 24.39 -43.53
CA ASP D 155 30.85 23.01 -43.95
C ASP D 155 31.82 22.05 -43.26
N TYR D 156 31.46 21.58 -42.07
CA TYR D 156 32.26 20.58 -41.37
C TYR D 156 31.35 19.69 -40.54
N PHE D 157 31.85 18.51 -40.20
CA PHE D 157 31.13 17.57 -39.36
C PHE D 157 32.13 16.63 -38.71
N PRO D 158 32.00 16.35 -37.40
CA PRO D 158 31.03 16.94 -36.49
C PRO D 158 31.64 18.07 -35.68
N GLU D 159 30.90 18.60 -34.71
CA GLU D 159 31.59 19.44 -33.75
C GLU D 159 32.37 18.56 -32.79
N PRO D 160 33.51 19.03 -32.26
CA PRO D 160 34.02 20.41 -32.19
C PRO D 160 34.94 20.88 -33.31
N VAL D 161 35.13 22.20 -33.34
CA VAL D 161 36.23 22.84 -34.05
C VAL D 161 36.82 23.89 -33.11
N THR D 162 38.15 23.99 -33.11
CA THR D 162 38.85 25.00 -32.34
C THR D 162 39.48 26.02 -33.29
N VAL D 163 39.60 27.25 -32.81
CA VAL D 163 40.24 28.32 -33.58
C VAL D 163 40.93 29.26 -32.61
N SER D 164 42.17 29.64 -32.96
CA SER D 164 42.94 30.60 -32.19
C SER D 164 43.58 31.58 -33.17
N TRP D 165 44.12 32.67 -32.64
CA TRP D 165 44.66 33.75 -33.46
C TRP D 165 46.10 34.03 -33.06
N ASN D 166 46.99 34.04 -34.06
CA ASN D 166 48.43 34.27 -33.85
C ASN D 166 49.03 33.22 -32.92
N SER D 167 48.52 31.99 -33.03
CA SER D 167 49.01 30.85 -32.24
C SER D 167 48.87 31.10 -30.74
N GLY D 168 47.70 31.63 -30.33
CA GLY D 168 47.41 31.91 -28.94
C GLY D 168 47.95 33.22 -28.42
N ALA D 169 48.72 33.97 -29.23
CA ALA D 169 49.26 35.24 -28.77
C ALA D 169 48.19 36.33 -28.72
N LEU D 170 47.18 36.23 -29.60
CA LEU D 170 46.10 37.21 -29.66
C LEU D 170 44.87 36.64 -28.97
N THR D 171 44.49 37.24 -27.84
CA THR D 171 43.32 36.81 -27.09
C THR D 171 42.38 37.95 -26.74
N SER D 172 42.77 39.20 -26.98
CA SER D 172 41.93 40.35 -26.68
C SER D 172 41.09 40.69 -27.91
N GLY D 173 39.80 40.95 -27.68
CA GLY D 173 38.92 41.35 -28.75
C GLY D 173 38.47 40.24 -29.68
N VAL D 174 38.90 39.01 -29.45
CA VAL D 174 38.51 37.89 -30.30
C VAL D 174 37.20 37.31 -29.80
N HIS D 175 36.27 37.06 -30.72
CA HIS D 175 35.04 36.35 -30.44
C HIS D 175 34.91 35.21 -31.43
N THR D 176 34.59 34.02 -30.93
CA THR D 176 34.39 32.84 -31.76
C THR D 176 32.95 32.35 -31.55
N PHE D 177 32.12 32.55 -32.57
CA PHE D 177 30.70 32.34 -32.41
C PHE D 177 30.36 30.85 -32.38
N PRO D 178 29.27 30.48 -31.73
CA PRO D 178 28.83 29.08 -31.77
C PRO D 178 28.53 28.63 -33.18
N ALA D 179 28.67 27.33 -33.40
CA ALA D 179 28.37 26.76 -34.71
C ALA D 179 26.87 26.82 -35.00
N VAL D 180 26.55 26.75 -36.29
CA VAL D 180 25.18 26.68 -36.77
C VAL D 180 25.02 25.37 -37.56
N LEU D 181 23.77 25.02 -37.85
CA LEU D 181 23.45 23.83 -38.62
C LEU D 181 22.67 24.25 -39.86
N GLN D 182 23.23 23.98 -41.04
CA GLN D 182 22.50 24.20 -42.26
C GLN D 182 21.61 22.99 -42.56
N SER D 183 20.64 23.18 -43.45
CA SER D 183 19.79 22.08 -43.89
C SER D 183 20.62 20.95 -44.49
N SER D 184 21.84 21.24 -44.96
CA SER D 184 22.73 20.22 -45.47
C SER D 184 23.18 19.23 -44.40
N GLY D 185 23.01 19.58 -43.13
CA GLY D 185 23.52 18.76 -42.05
C GLY D 185 24.94 19.06 -41.63
N LEU D 186 25.61 19.97 -42.33
CA LEU D 186 26.99 20.35 -42.03
C LEU D 186 26.99 21.64 -41.23
N TYR D 187 28.07 21.86 -40.49
CA TYR D 187 28.14 22.97 -39.56
C TYR D 187 28.92 24.13 -40.17
N SER D 188 28.70 25.33 -39.60
CA SER D 188 29.37 26.54 -40.03
C SER D 188 29.64 27.44 -38.83
N LEU D 189 30.84 28.01 -38.78
CA LEU D 189 31.29 28.83 -37.68
C LEU D 189 31.93 30.10 -38.23
N SER D 190 31.97 31.13 -37.40
CA SER D 190 32.70 32.35 -37.72
C SER D 190 33.46 32.81 -36.47
N SER D 191 34.68 33.28 -36.67
CA SER D 191 35.51 33.82 -35.59
C SER D 191 36.09 35.13 -36.04
N VAL D 192 36.03 36.15 -35.18
CA VAL D 192 36.40 37.52 -35.53
C VAL D 192 37.25 38.11 -34.41
N VAL D 193 37.90 39.22 -34.73
CA VAL D 193 38.73 39.94 -33.75
C VAL D 193 38.82 41.39 -34.20
N THR D 194 38.82 42.30 -33.22
CA THR D 194 38.92 43.72 -33.47
C THR D 194 40.35 44.19 -33.22
N VAL D 195 40.91 44.91 -34.17
CA VAL D 195 42.30 45.38 -34.10
C VAL D 195 42.33 46.87 -34.39
N PRO D 196 43.41 47.55 -34.01
CA PRO D 196 43.56 48.96 -34.40
C PRO D 196 43.84 49.10 -35.88
N SER D 197 43.36 50.21 -36.45
CA SER D 197 43.54 50.47 -37.87
C SER D 197 44.97 50.91 -38.21
N SER D 198 45.71 51.44 -37.24
CA SER D 198 47.10 51.80 -37.48
C SER D 198 47.97 50.56 -37.66
N SER D 199 47.66 49.47 -36.95
CA SER D 199 48.44 48.25 -37.00
C SER D 199 47.94 47.28 -38.07
N LEU D 200 47.13 47.75 -39.02
CA LEU D 200 46.56 46.85 -40.03
C LEU D 200 47.63 46.29 -40.95
N GLY D 201 48.43 47.18 -41.56
CA GLY D 201 49.43 46.71 -42.52
C GLY D 201 50.71 46.22 -41.89
N THR D 202 51.03 46.69 -40.68
CA THR D 202 52.30 46.35 -40.04
C THR D 202 52.29 44.93 -39.49
N GLN D 203 51.38 44.64 -38.57
CA GLN D 203 51.33 43.34 -37.91
C GLN D 203 50.52 42.36 -38.72
N THR D 204 50.97 41.10 -38.73
CA THR D 204 50.29 40.02 -39.43
C THR D 204 49.27 39.36 -38.52
N TYR D 205 48.22 38.79 -39.14
CA TYR D 205 47.18 38.08 -38.42
C TYR D 205 46.85 36.78 -39.14
N ILE D 206 46.73 35.70 -38.37
CA ILE D 206 46.42 34.39 -38.94
C ILE D 206 45.57 33.63 -37.92
N CYS D 207 44.47 33.04 -38.40
CA CYS D 207 43.62 32.21 -37.56
C CYS D 207 44.01 30.75 -37.73
N ASN D 208 44.09 30.04 -36.61
CA ASN D 208 44.54 28.66 -36.57
C ASN D 208 43.34 27.78 -36.21
N VAL D 209 42.76 27.16 -37.22
CA VAL D 209 41.60 26.28 -37.07
C VAL D 209 42.08 24.84 -37.01
N ASN D 210 41.44 24.03 -36.19
CA ASN D 210 41.72 22.60 -36.11
C ASN D 210 40.42 21.86 -35.85
N HIS D 211 40.06 20.98 -36.78
CA HIS D 211 38.94 20.06 -36.62
C HIS D 211 39.54 18.67 -36.42
N LYS D 212 39.69 18.27 -35.15
CA LYS D 212 40.32 16.99 -34.84
C LYS D 212 39.58 15.77 -35.39
N PRO D 213 38.24 15.68 -35.35
CA PRO D 213 37.58 14.46 -35.85
C PRO D 213 37.88 14.14 -37.30
N SER D 214 38.35 15.10 -38.10
CA SER D 214 38.82 14.83 -39.45
C SER D 214 40.32 15.03 -39.58
N ASN D 215 41.02 15.38 -38.48
CA ASN D 215 42.45 15.65 -38.49
C ASN D 215 42.84 16.60 -39.62
N THR D 216 41.94 17.53 -39.93
CA THR D 216 42.22 18.58 -40.89
C THR D 216 42.59 19.83 -40.11
N LYS D 217 43.69 20.45 -40.50
CA LYS D 217 44.21 21.64 -39.82
C LYS D 217 44.52 22.69 -40.90
N VAL D 218 43.66 23.69 -40.98
CA VAL D 218 43.77 24.73 -42.00
C VAL D 218 44.03 26.05 -41.29
N ASP D 219 45.17 26.65 -41.58
CA ASP D 219 45.52 27.98 -41.10
C ASP D 219 45.45 28.94 -42.28
N LYS D 220 44.62 29.96 -42.17
CA LYS D 220 44.48 30.98 -43.19
C LYS D 220 44.88 32.33 -42.62
N ARG D 221 45.59 33.13 -43.43
CA ARG D 221 46.02 34.47 -43.07
C ARG D 221 44.88 35.46 -43.36
N VAL D 222 45.13 36.73 -43.04
CA VAL D 222 44.23 37.81 -43.41
C VAL D 222 44.39 38.13 -44.88
N GLU D 223 43.28 38.51 -45.51
CA GLU D 223 43.24 38.94 -46.91
C GLU D 223 42.69 40.36 -46.92
N PRO D 224 43.55 41.36 -46.65
CA PRO D 224 43.09 42.77 -46.74
C PRO D 224 43.18 43.30 -48.16
N LYS D 225 42.17 42.95 -48.96
CA LYS D 225 42.11 43.25 -50.39
C LYS D 225 42.50 44.68 -50.75
N GLU E 1 4.19 13.19 -14.92
CA GLU E 1 5.32 13.97 -14.44
C GLU E 1 4.82 15.18 -13.67
N ILE E 2 5.61 15.61 -12.69
CA ILE E 2 5.38 16.87 -11.99
C ILE E 2 6.15 17.92 -12.78
N VAL E 3 5.43 18.70 -13.58
CA VAL E 3 6.10 19.73 -14.39
C VAL E 3 6.41 20.93 -13.53
N LEU E 4 7.67 21.38 -13.58
CA LEU E 4 8.14 22.53 -12.83
C LEU E 4 8.23 23.72 -13.78
N THR E 5 7.39 24.73 -13.54
CA THR E 5 7.38 25.95 -14.34
C THR E 5 8.21 27.02 -13.61
N GLN E 6 9.27 27.48 -14.27
CA GLN E 6 10.19 28.44 -13.68
C GLN E 6 9.95 29.82 -14.28
N SER E 7 9.79 30.83 -13.43
CA SER E 7 9.70 32.21 -13.86
C SER E 7 10.72 33.04 -13.07
N PRO E 8 11.37 34.02 -13.71
CA PRO E 8 11.21 34.38 -15.12
C PRO E 8 12.11 33.54 -16.03
N GLY E 9 11.99 33.71 -17.35
CA GLY E 9 12.91 33.02 -18.24
C GLY E 9 14.30 33.61 -18.19
N THR E 10 14.39 34.93 -18.22
CA THR E 10 15.64 35.65 -18.07
C THR E 10 15.44 36.75 -17.05
N LEU E 11 16.44 36.97 -16.20
CA LEU E 11 16.37 38.00 -15.17
C LEU E 11 17.67 38.80 -15.22
N SER E 12 17.56 40.09 -15.53
CA SER E 12 18.72 40.95 -15.74
C SER E 12 18.90 41.87 -14.54
N LEU E 13 19.98 41.64 -13.79
CA LEU E 13 20.32 42.45 -12.64
C LEU E 13 21.83 42.71 -12.63
N SER E 14 22.24 43.72 -11.88
CA SER E 14 23.65 44.05 -11.75
C SER E 14 24.17 43.68 -10.36
N PRO E 15 25.48 43.45 -10.23
CA PRO E 15 26.03 43.01 -8.94
C PRO E 15 25.59 43.87 -7.77
N GLY E 16 25.19 43.21 -6.69
CA GLY E 16 24.71 43.87 -5.49
C GLY E 16 23.21 43.84 -5.29
N GLU E 17 22.44 43.62 -6.35
CA GLU E 17 20.98 43.60 -6.26
C GLU E 17 20.51 42.20 -5.84
N ARG E 18 19.20 41.97 -5.87
CA ARG E 18 18.59 40.75 -5.38
C ARG E 18 17.85 40.04 -6.50
N ALA E 19 18.06 38.73 -6.61
CA ALA E 19 17.41 37.91 -7.62
C ALA E 19 16.39 37.01 -6.94
N THR E 20 15.14 37.10 -7.37
CA THR E 20 14.07 36.24 -6.87
C THR E 20 13.66 35.32 -8.01
N LEU E 21 13.94 34.03 -7.85
CA LEU E 21 13.65 33.03 -8.86
C LEU E 21 12.51 32.13 -8.37
N SER E 22 11.54 31.90 -9.22
CA SER E 22 10.32 31.19 -8.85
C SER E 22 10.25 29.84 -9.55
N CYS E 23 9.70 28.85 -8.84
CA CYS E 23 9.45 27.53 -9.40
C CYS E 23 8.12 27.02 -8.88
N ARG E 24 7.16 26.82 -9.77
CA ARG E 24 5.84 26.31 -9.42
C ARG E 24 5.71 24.88 -9.92
N ALA E 25 5.11 24.03 -9.09
CA ALA E 25 4.97 22.60 -9.38
C ALA E 25 3.51 22.26 -9.68
N SER E 26 3.32 21.39 -10.68
CA SER E 26 1.97 20.97 -11.03
C SER E 26 1.32 20.22 -9.87
N GLN E 27 2.04 19.25 -9.30
CA GLN E 27 1.60 18.51 -8.13
C GLN E 27 2.47 18.90 -6.94
N SER E 28 1.97 18.63 -5.74
CA SER E 28 2.72 18.96 -4.54
C SER E 28 3.98 18.10 -4.48
N VAL E 29 5.11 18.74 -4.17
CA VAL E 29 6.39 18.06 -4.12
C VAL E 29 6.51 17.33 -2.79
N THR E 30 6.76 16.02 -2.86
CA THR E 30 6.76 15.19 -1.65
C THR E 30 7.94 15.52 -0.77
N LYS E 31 7.67 15.68 0.53
CA LYS E 31 8.71 15.87 1.55
C LYS E 31 9.66 17.00 1.19
N ASN E 32 9.14 17.99 0.47
CA ASN E 32 9.91 19.16 0.04
C ASN E 32 11.23 18.76 -0.64
N TYR E 33 11.23 17.60 -1.29
CA TYR E 33 12.39 17.13 -2.02
C TYR E 33 12.56 17.97 -3.28
N LEU E 34 12.90 19.24 -3.11
CA LEU E 34 13.08 20.17 -4.22
C LEU E 34 14.50 20.71 -4.17
N ALA E 35 15.18 20.65 -5.31
CA ALA E 35 16.58 21.06 -5.38
C ALA E 35 16.75 22.17 -6.40
N TRP E 36 17.83 22.92 -6.26
CA TRP E 36 18.21 23.98 -7.19
C TRP E 36 19.60 23.69 -7.71
N TYR E 37 19.80 23.87 -9.01
CA TYR E 37 21.10 23.70 -9.63
C TYR E 37 21.53 24.98 -10.33
N GLN E 38 22.84 25.22 -10.33
CA GLN E 38 23.45 26.33 -11.05
C GLN E 38 24.33 25.77 -12.16
N GLN E 39 24.03 26.14 -13.40
CA GLN E 39 24.79 25.68 -14.56
C GLN E 39 25.45 26.86 -15.26
N LYS E 40 26.77 26.92 -15.19
CA LYS E 40 27.45 27.90 -16.03
C LYS E 40 27.75 27.30 -17.40
N PRO E 41 27.86 28.11 -18.45
CA PRO E 41 27.82 27.56 -19.82
C PRO E 41 28.99 26.63 -20.10
N GLY E 42 28.67 25.50 -20.74
CA GLY E 42 29.64 24.46 -21.00
C GLY E 42 29.93 23.54 -19.84
N GLN E 43 29.70 24.00 -18.61
CA GLN E 43 29.90 23.22 -17.41
C GLN E 43 28.66 22.37 -17.10
N ALA E 44 28.82 21.45 -16.17
CA ALA E 44 27.71 20.65 -15.70
C ALA E 44 26.97 21.39 -14.59
N PRO E 45 25.72 21.00 -14.30
CA PRO E 45 24.98 21.66 -13.22
C PRO E 45 25.63 21.42 -11.86
N THR E 46 25.43 22.36 -10.96
CA THR E 46 26.02 22.33 -9.63
C THR E 46 24.90 22.45 -8.59
N LEU E 47 24.87 21.52 -7.65
CA LEU E 47 23.87 21.56 -6.59
C LEU E 47 24.13 22.75 -5.68
N VAL E 48 23.07 23.48 -5.35
CA VAL E 48 23.19 24.63 -4.47
C VAL E 48 22.14 24.60 -3.38
N ILE E 49 20.99 23.98 -3.66
CA ILE E 49 19.92 23.84 -2.68
C ILE E 49 19.33 22.44 -2.79
N TYR E 50 19.19 21.77 -1.65
CA TYR E 50 18.36 20.58 -1.55
C TYR E 50 17.42 20.76 -0.37
N ASP E 51 16.39 19.92 -0.30
CA ASP E 51 15.36 20.01 0.73
C ASP E 51 14.69 21.38 0.73
N ALA E 52 14.54 21.96 -0.47
CA ALA E 52 13.85 23.23 -0.66
C ALA E 52 14.56 24.42 -0.02
N SER E 53 15.17 24.23 1.16
CA SER E 53 15.76 25.36 1.89
C SER E 53 17.18 25.14 2.38
N THR E 54 17.71 23.92 2.36
CA THR E 54 19.05 23.65 2.86
C THR E 54 20.09 23.93 1.80
N ARG E 55 21.16 24.60 2.19
CA ARG E 55 22.25 24.91 1.27
C ARG E 55 23.20 23.74 1.18
N ALA E 56 23.87 23.62 0.04
CA ALA E 56 24.85 22.57 -0.19
C ALA E 56 26.22 23.00 0.33
N SER E 57 27.22 22.15 0.11
CA SER E 57 28.55 22.42 0.63
C SER E 57 29.19 23.55 -0.16
N GLY E 58 29.70 24.55 0.55
CA GLY E 58 30.37 25.67 -0.08
C GLY E 58 29.48 26.72 -0.69
N ILE E 59 28.18 26.68 -0.41
CA ILE E 59 27.23 27.65 -0.94
C ILE E 59 27.09 28.79 0.07
N PRO E 60 27.44 30.02 -0.29
CA PRO E 60 27.43 31.12 0.69
C PRO E 60 26.01 31.45 1.15
N ASP E 61 25.94 32.21 2.25
CA ASP E 61 24.68 32.62 2.84
C ASP E 61 23.80 33.44 1.90
N ARG E 62 24.35 33.97 0.81
CA ARG E 62 23.55 34.75 -0.13
C ARG E 62 22.37 33.94 -0.67
N PHE E 63 22.58 32.65 -0.90
CA PHE E 63 21.54 31.79 -1.44
C PHE E 63 20.59 31.34 -0.34
N ILE E 64 19.29 31.50 -0.58
CA ILE E 64 18.26 31.18 0.40
C ILE E 64 17.14 30.45 -0.32
N GLY E 65 16.93 29.18 0.03
CA GLY E 65 15.83 28.41 -0.52
C GLY E 65 14.59 28.56 0.36
N SER E 66 13.45 28.70 -0.28
CA SER E 66 12.23 29.04 0.43
C SER E 66 11.05 28.49 -0.36
N GLY E 67 10.33 27.53 0.21
CA GLY E 67 9.15 27.03 -0.44
C GLY E 67 8.61 25.79 0.23
N SER E 68 7.44 25.37 -0.25
CA SER E 68 6.73 24.21 0.25
C SER E 68 5.61 23.86 -0.72
N GLY E 69 5.32 22.56 -0.85
CA GLY E 69 4.21 22.09 -1.65
C GLY E 69 4.35 22.32 -3.15
N THR E 70 3.72 23.37 -3.66
CA THR E 70 3.82 23.72 -5.07
C THR E 70 4.46 25.08 -5.31
N ASP E 71 4.76 25.83 -4.25
CA ASP E 71 5.29 27.19 -4.34
C ASP E 71 6.72 27.19 -3.79
N PHE E 72 7.70 27.32 -4.68
CA PHE E 72 9.11 27.32 -4.28
C PHE E 72 9.83 28.51 -4.88
N THR E 73 10.89 28.92 -4.19
CA THR E 73 11.56 30.18 -4.48
C THR E 73 13.02 30.08 -4.07
N LEU E 74 13.91 30.56 -4.94
CA LEU E 74 15.31 30.75 -4.62
C LEU E 74 15.64 32.23 -4.74
N THR E 75 16.15 32.82 -3.67
CA THR E 75 16.51 34.22 -3.64
C THR E 75 18.00 34.35 -3.40
N ILE E 76 18.69 35.07 -4.28
CA ILE E 76 20.11 35.35 -4.15
C ILE E 76 20.26 36.83 -3.86
N SER E 77 20.62 37.16 -2.63
CA SER E 77 20.84 38.54 -2.22
C SER E 77 22.32 38.89 -2.30
N ARG E 78 22.59 40.19 -2.36
CA ARG E 78 23.95 40.72 -2.48
C ARG E 78 24.70 40.02 -3.62
N LEU E 79 24.14 40.15 -4.82
CA LEU E 79 24.61 39.40 -5.98
C LEU E 79 26.07 39.71 -6.27
N GLU E 80 26.90 38.67 -6.29
CA GLU E 80 28.30 38.70 -6.68
C GLU E 80 28.44 38.35 -8.15
N PRO E 81 29.53 38.79 -8.80
CA PRO E 81 29.71 38.44 -10.23
C PRO E 81 29.65 36.96 -10.53
N GLU E 82 30.21 36.10 -9.66
CA GLU E 82 30.27 34.67 -9.91
C GLU E 82 28.91 33.99 -9.91
N ASP E 83 27.87 34.67 -9.40
CA ASP E 83 26.56 34.04 -9.24
C ASP E 83 25.73 34.04 -10.52
N PHE E 84 26.15 34.76 -11.55
CA PHE E 84 25.35 34.86 -12.76
C PHE E 84 25.54 33.61 -13.60
N ALA E 85 24.45 32.89 -13.80
CA ALA E 85 24.39 31.63 -14.55
C ALA E 85 22.91 31.35 -14.80
N VAL E 86 22.61 30.17 -15.35
CA VAL E 86 21.23 29.72 -15.48
C VAL E 86 20.96 28.75 -14.34
N TYR E 87 19.94 29.06 -13.55
CA TYR E 87 19.58 28.27 -12.38
C TYR E 87 18.42 27.36 -12.72
N TYR E 88 18.49 26.11 -12.26
CA TYR E 88 17.51 25.10 -12.61
C TYR E 88 16.78 24.60 -11.36
N CYS E 89 15.53 24.20 -11.57
CA CYS E 89 14.65 23.69 -10.53
C CYS E 89 14.49 22.19 -10.72
N HIS E 90 14.70 21.43 -9.65
CA HIS E 90 14.66 19.97 -9.72
C HIS E 90 13.85 19.43 -8.55
N GLN E 91 12.95 18.49 -8.84
CA GLN E 91 12.22 17.78 -7.80
C GLN E 91 12.60 16.31 -7.86
N TYR E 92 12.84 15.72 -6.68
CA TYR E 92 13.25 14.32 -6.60
C TYR E 92 12.37 13.51 -5.65
N GLY E 93 11.24 14.04 -5.23
CA GLY E 93 10.36 13.36 -4.31
C GLY E 93 9.25 12.57 -4.93
N SER E 94 9.11 12.60 -6.26
CA SER E 94 8.04 11.90 -6.94
C SER E 94 8.48 10.49 -7.31
N SER E 95 7.56 9.75 -7.93
CA SER E 95 7.89 8.51 -8.62
C SER E 95 8.52 8.86 -9.96
N PRO E 96 9.14 7.90 -10.62
CA PRO E 96 9.71 8.17 -11.95
C PRO E 96 8.71 8.87 -12.85
N PRO E 97 9.14 9.92 -13.58
CA PRO E 97 10.52 10.41 -13.59
C PRO E 97 10.73 11.66 -12.73
N TYR E 98 11.93 11.82 -12.20
CA TYR E 98 12.30 13.09 -11.61
C TYR E 98 12.37 14.14 -12.71
N THR E 99 11.98 15.36 -12.37
CA THR E 99 11.83 16.39 -13.40
C THR E 99 12.71 17.59 -13.09
N PHE E 100 12.88 18.42 -14.12
CA PHE E 100 13.63 19.67 -14.03
C PHE E 100 12.78 20.82 -14.54
N GLY E 101 13.12 22.03 -14.12
CA GLY E 101 12.56 23.22 -14.72
C GLY E 101 13.26 23.57 -16.01
N ARG E 102 12.65 24.47 -16.77
CA ARG E 102 13.25 24.87 -18.05
C ARG E 102 14.34 25.94 -17.88
N GLY E 103 14.48 26.51 -16.70
CA GLY E 103 15.62 27.34 -16.36
C GLY E 103 15.26 28.82 -16.24
N THR E 104 16.10 29.53 -15.47
CA THR E 104 16.06 30.98 -15.36
C THR E 104 17.48 31.50 -15.53
N LYS E 105 17.74 32.21 -16.62
CA LYS E 105 19.07 32.74 -16.88
C LYS E 105 19.23 34.08 -16.17
N LEU E 106 20.26 34.18 -15.35
CA LEU E 106 20.57 35.39 -14.60
C LEU E 106 21.73 36.09 -15.29
N GLU E 107 21.43 37.19 -15.99
CA GLU E 107 22.43 37.95 -16.72
C GLU E 107 22.72 39.27 -16.02
N ILE E 108 23.87 39.85 -16.34
CA ILE E 108 24.30 41.10 -15.74
C ILE E 108 23.70 42.27 -16.51
N LYS E 109 23.14 43.24 -15.78
CA LYS E 109 22.59 44.46 -16.37
C LYS E 109 23.66 45.55 -16.32
N ARG E 110 24.15 45.94 -17.49
CA ARG E 110 25.09 47.05 -17.65
C ARG E 110 24.35 48.22 -18.28
N THR E 111 25.08 49.31 -18.51
CA THR E 111 24.52 50.40 -19.29
C THR E 111 24.34 49.95 -20.73
N VAL E 112 23.40 50.58 -21.43
CA VAL E 112 23.14 50.21 -22.81
C VAL E 112 24.39 50.44 -23.66
N ALA E 113 24.58 49.56 -24.65
CA ALA E 113 25.74 49.64 -25.53
C ALA E 113 25.31 49.29 -26.95
N ALA E 114 25.56 50.20 -27.88
CA ALA E 114 25.16 50.01 -29.26
C ALA E 114 26.13 49.07 -29.97
N PRO E 115 25.65 48.24 -30.89
CA PRO E 115 26.55 47.33 -31.61
C PRO E 115 27.40 48.10 -32.60
N SER E 116 28.62 47.61 -32.78
CA SER E 116 29.49 48.05 -33.87
C SER E 116 29.34 47.07 -35.01
N VAL E 117 28.85 47.55 -36.14
CA VAL E 117 28.48 46.68 -37.26
C VAL E 117 29.62 46.60 -38.26
N PHE E 118 29.77 45.43 -38.88
CA PHE E 118 30.75 45.21 -39.93
C PHE E 118 30.15 44.29 -40.97
N ILE E 119 30.45 44.54 -42.24
CA ILE E 119 29.98 43.73 -43.36
C ILE E 119 31.19 43.09 -44.03
N PHE E 120 31.08 41.81 -44.37
CA PHE E 120 32.18 41.05 -44.95
C PHE E 120 31.73 40.42 -46.26
N PRO E 121 32.25 40.87 -47.40
CA PRO E 121 31.92 40.24 -48.67
C PRO E 121 32.47 38.83 -48.73
N PRO E 122 31.92 37.97 -49.58
CA PRO E 122 32.45 36.61 -49.72
C PRO E 122 33.90 36.62 -50.20
N SER E 123 34.64 35.61 -49.79
CA SER E 123 36.02 35.45 -50.22
C SER E 123 36.08 35.04 -51.68
N ASP E 124 37.08 35.55 -52.40
CA ASP E 124 37.28 35.11 -53.79
C ASP E 124 37.46 33.60 -53.85
N GLU E 125 38.11 33.01 -52.84
CA GLU E 125 38.28 31.57 -52.79
C GLU E 125 36.94 30.86 -52.66
N GLN E 126 36.06 31.38 -51.81
CA GLN E 126 34.71 30.81 -51.71
C GLN E 126 33.96 30.93 -53.02
N LEU E 127 34.11 32.06 -53.72
CA LEU E 127 33.47 32.23 -55.02
C LEU E 127 33.89 31.16 -56.01
N LYS E 128 35.13 30.66 -55.89
CA LYS E 128 35.58 29.58 -56.76
C LYS E 128 34.76 28.32 -56.59
N SER E 129 34.24 28.08 -55.37
CA SER E 129 33.58 26.82 -55.07
C SER E 129 32.08 26.81 -55.39
N GLY E 130 31.48 27.98 -55.60
CA GLY E 130 30.13 28.04 -56.13
C GLY E 130 29.01 28.33 -55.15
N THR E 131 29.32 28.81 -53.95
CA THR E 131 28.31 29.29 -53.00
C THR E 131 28.89 30.49 -52.27
N ALA E 132 28.08 31.52 -52.07
CA ALA E 132 28.52 32.79 -51.49
C ALA E 132 27.98 32.95 -50.07
N SER E 133 28.82 33.51 -49.20
CA SER E 133 28.49 33.72 -47.78
C SER E 133 28.86 35.14 -47.42
N VAL E 134 27.86 36.00 -47.30
CA VAL E 134 28.05 37.34 -46.76
C VAL E 134 27.76 37.29 -45.26
N VAL E 135 28.57 37.99 -44.49
CA VAL E 135 28.53 37.89 -43.03
C VAL E 135 28.42 39.30 -42.46
N CYS E 136 27.58 39.45 -41.43
CA CYS E 136 27.43 40.70 -40.71
C CYS E 136 27.79 40.48 -39.24
N LEU E 137 28.70 41.30 -38.72
CA LEU E 137 29.12 41.21 -37.33
C LEU E 137 28.51 42.36 -36.54
N LEU E 138 27.94 42.03 -35.38
CA LEU E 138 27.45 43.00 -34.42
C LEU E 138 28.30 42.83 -33.16
N ASN E 139 29.14 43.81 -32.87
CA ASN E 139 30.16 43.65 -31.85
C ASN E 139 29.86 44.47 -30.61
N ASN E 140 29.88 43.80 -29.46
CA ASN E 140 29.94 44.44 -28.14
C ASN E 140 28.72 45.31 -27.88
N PHE E 141 27.56 44.67 -27.80
CA PHE E 141 26.31 45.39 -27.60
C PHE E 141 25.51 44.79 -26.45
N TYR E 142 24.78 45.67 -25.76
CA TYR E 142 23.87 45.29 -24.69
C TYR E 142 22.63 46.17 -24.82
N PRO E 143 21.42 45.60 -24.62
CA PRO E 143 21.11 44.19 -24.34
C PRO E 143 21.28 43.26 -25.52
N ARG E 144 20.87 42.00 -25.35
CA ARG E 144 21.14 40.96 -26.34
C ARG E 144 20.23 41.09 -27.56
N GLU E 145 19.02 41.62 -27.38
CA GLU E 145 18.07 41.72 -28.47
C GLU E 145 18.61 42.63 -29.57
N ALA E 146 18.52 42.17 -30.81
CA ALA E 146 18.89 42.96 -31.98
C ALA E 146 18.37 42.26 -33.23
N LYS E 147 17.77 43.03 -34.15
CA LYS E 147 17.46 42.52 -35.48
C LYS E 147 18.59 42.81 -36.46
N VAL E 148 18.87 41.82 -37.29
CA VAL E 148 19.60 42.03 -38.53
C VAL E 148 18.63 41.79 -39.68
N GLN E 149 18.61 42.72 -40.63
CA GLN E 149 17.82 42.56 -41.84
C GLN E 149 18.78 42.57 -43.03
N TRP E 150 18.73 41.50 -43.81
CA TRP E 150 19.54 41.42 -45.02
C TRP E 150 18.76 42.04 -46.17
N LYS E 151 19.45 42.87 -46.96
CA LYS E 151 18.86 43.49 -48.14
C LYS E 151 19.87 43.40 -49.26
N VAL E 152 19.51 42.75 -50.37
CA VAL E 152 20.31 42.81 -51.58
C VAL E 152 19.52 43.63 -52.60
N ASP E 153 20.17 44.65 -53.16
CA ASP E 153 19.52 45.58 -54.07
C ASP E 153 18.22 46.12 -53.47
N ASN E 154 18.25 46.36 -52.16
CA ASN E 154 17.13 46.91 -51.39
C ASN E 154 15.93 45.96 -51.35
N ALA E 155 16.19 44.65 -51.34
CA ALA E 155 15.14 43.64 -51.25
C ALA E 155 15.29 42.88 -49.93
N LEU E 156 14.22 42.84 -49.14
CA LEU E 156 14.26 42.23 -47.82
C LEU E 156 14.36 40.71 -47.93
N GLN E 157 15.26 40.12 -47.16
CA GLN E 157 15.55 38.69 -47.25
C GLN E 157 15.01 37.94 -46.06
N SER E 158 14.51 36.73 -46.32
CA SER E 158 13.97 35.86 -45.30
C SER E 158 14.23 34.41 -45.70
N GLY E 159 14.62 33.60 -44.73
CA GLY E 159 14.88 32.20 -45.00
C GLY E 159 16.19 31.90 -45.68
N ASN E 160 17.15 32.83 -45.64
CA ASN E 160 18.48 32.58 -46.17
C ASN E 160 19.57 33.04 -45.21
N SER E 161 19.22 33.45 -44.00
CA SER E 161 20.16 33.91 -43.00
C SER E 161 20.10 33.01 -41.78
N GLN E 162 21.22 32.96 -41.05
CA GLN E 162 21.31 32.24 -39.78
C GLN E 162 22.24 33.03 -38.87
N GLU E 163 21.77 33.34 -37.66
CA GLU E 163 22.56 34.12 -36.72
C GLU E 163 23.02 33.26 -35.56
N SER E 164 24.02 33.77 -34.85
CA SER E 164 24.68 33.05 -33.79
C SER E 164 25.26 34.07 -32.82
N VAL E 165 25.00 33.89 -31.54
CA VAL E 165 25.34 34.88 -30.52
C VAL E 165 26.36 34.29 -29.57
N THR E 166 27.34 35.11 -29.19
CA THR E 166 28.31 34.77 -28.18
C THR E 166 27.69 34.91 -26.78
N GLU E 167 28.29 34.24 -25.80
CA GLU E 167 27.86 34.41 -24.44
C GLU E 167 28.35 35.75 -23.90
N GLN E 168 27.67 36.24 -22.85
CA GLN E 168 27.99 37.51 -22.24
C GLN E 168 29.44 37.53 -21.78
N ASP E 169 30.22 38.46 -22.32
CA ASP E 169 31.64 38.54 -22.02
C ASP E 169 31.85 38.83 -20.53
N SER E 170 33.00 38.40 -20.01
CA SER E 170 33.24 38.44 -18.56
C SER E 170 33.58 39.84 -18.07
N LYS E 171 34.33 40.63 -18.87
CA LYS E 171 34.82 41.91 -18.37
C LYS E 171 33.77 43.04 -18.54
N ASP E 172 32.98 43.03 -19.60
CA ASP E 172 32.07 44.11 -19.93
C ASP E 172 30.60 43.69 -19.97
N SER E 173 30.32 42.39 -20.04
CA SER E 173 28.97 41.85 -20.07
C SER E 173 28.25 42.24 -21.37
N THR E 174 28.96 42.16 -22.50
CA THR E 174 28.40 42.52 -23.80
C THR E 174 28.36 41.31 -24.72
N TYR E 175 27.26 41.16 -25.44
CA TYR E 175 27.10 40.10 -26.43
C TYR E 175 27.63 40.55 -27.79
N SER E 176 27.88 39.57 -28.65
CA SER E 176 28.20 39.80 -30.05
C SER E 176 27.40 38.84 -30.90
N LEU E 177 27.17 39.22 -32.15
CA LEU E 177 26.30 38.47 -33.04
C LEU E 177 26.91 38.41 -34.44
N SER E 178 26.74 37.27 -35.11
CA SER E 178 27.15 37.11 -36.50
C SER E 178 26.00 36.50 -37.29
N SER E 179 25.59 37.19 -38.35
CA SER E 179 24.54 36.71 -39.26
C SER E 179 25.17 36.47 -40.62
N THR E 180 24.95 35.28 -41.18
CA THR E 180 25.54 34.92 -42.46
C THR E 180 24.44 34.70 -43.48
N LEU E 181 24.53 35.43 -44.58
CA LEU E 181 23.69 35.22 -45.75
C LEU E 181 24.39 34.26 -46.70
N THR E 182 23.80 33.10 -46.93
CA THR E 182 24.32 32.12 -47.88
C THR E 182 23.43 32.12 -49.11
N LEU E 183 24.00 32.50 -50.25
CA LEU E 183 23.32 32.48 -51.53
C LEU E 183 24.15 31.68 -52.52
N SER E 184 23.50 31.23 -53.59
CA SER E 184 24.23 30.59 -54.67
C SER E 184 25.06 31.64 -55.42
N LYS E 185 26.20 31.19 -55.98
CA LYS E 185 27.02 32.07 -56.80
C LYS E 185 26.19 32.76 -57.88
N ALA E 186 25.16 32.08 -58.38
CA ALA E 186 24.36 32.65 -59.46
C ALA E 186 23.61 33.89 -58.99
N ASP E 187 22.91 33.77 -57.86
CA ASP E 187 22.16 34.90 -57.33
C ASP E 187 23.09 35.98 -56.76
N TYR E 188 24.28 35.60 -56.31
CA TYR E 188 25.21 36.60 -55.77
C TYR E 188 25.67 37.56 -56.87
N GLU E 189 26.07 37.03 -58.02
CA GLU E 189 26.53 37.87 -59.11
C GLU E 189 25.39 38.62 -59.80
N LYS E 190 24.14 38.12 -59.68
CA LYS E 190 23.00 38.83 -60.26
C LYS E 190 22.87 40.23 -59.70
N HIS E 191 23.00 40.38 -58.39
CA HIS E 191 22.79 41.64 -57.70
C HIS E 191 24.15 42.28 -57.35
N LYS E 192 24.08 43.53 -56.90
CA LYS E 192 25.29 44.32 -56.66
C LYS E 192 25.41 44.81 -55.23
N VAL E 193 24.43 45.53 -54.70
CA VAL E 193 24.57 46.15 -53.39
C VAL E 193 24.03 45.20 -52.33
N TYR E 194 24.90 44.79 -51.42
CA TYR E 194 24.56 43.81 -50.39
C TYR E 194 24.56 44.55 -49.05
N ALA E 195 23.43 44.48 -48.34
CA ALA E 195 23.18 45.35 -47.21
C ALA E 195 22.85 44.55 -45.95
N CYS E 196 23.35 45.05 -44.82
CA CYS E 196 23.03 44.51 -43.51
C CYS E 196 22.53 45.66 -42.65
N GLU E 197 21.26 45.66 -42.30
CA GLU E 197 20.67 46.71 -41.50
C GLU E 197 20.43 46.17 -40.10
N VAL E 198 20.89 46.89 -39.09
CA VAL E 198 20.90 46.42 -37.70
C VAL E 198 20.06 47.37 -36.87
N THR E 199 19.04 46.84 -36.20
CA THR E 199 18.17 47.60 -35.31
C THR E 199 18.47 47.22 -33.86
N HIS E 200 18.71 48.21 -33.02
CA HIS E 200 19.09 47.94 -31.64
C HIS E 200 18.90 49.19 -30.79
N GLN E 201 18.72 48.95 -29.49
CA GLN E 201 18.41 50.01 -28.53
C GLN E 201 19.43 51.14 -28.57
N GLY E 202 20.73 50.79 -28.52
CA GLY E 202 21.77 51.79 -28.53
C GLY E 202 21.79 52.65 -29.76
N LEU E 203 21.16 52.20 -30.84
CA LEU E 203 21.10 52.97 -32.08
C LEU E 203 19.83 53.80 -32.12
N SER E 204 19.98 55.11 -32.33
CA SER E 204 18.82 55.97 -32.48
C SER E 204 17.97 55.54 -33.66
N SER E 205 18.60 55.41 -34.83
CA SER E 205 18.02 54.86 -36.04
C SER E 205 18.84 53.66 -36.48
N PRO E 206 18.21 52.64 -37.06
CA PRO E 206 18.96 51.46 -37.51
C PRO E 206 20.11 51.85 -38.43
N VAL E 207 21.28 51.26 -38.18
CA VAL E 207 22.45 51.52 -39.00
C VAL E 207 22.55 50.45 -40.08
N THR E 208 23.08 50.85 -41.23
CA THR E 208 23.27 49.97 -42.37
C THR E 208 24.69 50.12 -42.86
N LYS E 209 25.37 48.99 -43.04
CA LYS E 209 26.67 48.97 -43.67
C LYS E 209 26.62 48.03 -44.86
N SER E 210 27.28 48.40 -45.94
CA SER E 210 27.09 47.74 -47.22
C SER E 210 28.39 47.69 -48.01
N PHE E 211 28.37 46.86 -49.04
CA PHE E 211 29.45 46.76 -50.01
C PHE E 211 28.84 46.53 -51.39
N ASN E 212 29.61 46.86 -52.41
CA ASN E 212 29.24 46.61 -53.79
C ASN E 212 30.23 45.62 -54.39
N ARG E 213 29.71 44.62 -55.10
CA ARG E 213 30.57 43.60 -55.72
C ARG E 213 31.67 44.23 -56.56
N GLY E 214 32.90 43.84 -56.29
CA GLY E 214 34.03 44.35 -57.03
C GLY E 214 34.52 45.70 -56.60
N GLU E 215 34.17 46.14 -55.40
CA GLU E 215 34.75 47.36 -54.85
C GLU E 215 36.24 47.09 -54.63
N GLY F 1 18.95 -13.16 34.27
CA GLY F 1 19.60 -11.89 34.44
C GLY F 1 18.43 -10.96 34.33
N THR F 2 18.58 -9.68 34.66
CA THR F 2 17.46 -8.73 34.63
C THR F 2 17.97 -7.35 34.27
N PHE F 3 17.28 -6.69 33.33
CA PHE F 3 17.72 -5.41 32.77
C PHE F 3 18.05 -4.40 33.87
N THR F 4 18.96 -3.47 33.55
CA THR F 4 19.41 -2.50 34.54
C THR F 4 19.68 -1.11 33.98
N TRP F 5 19.69 -0.92 32.67
CA TRP F 5 20.08 0.37 32.12
C TRP F 5 19.07 1.45 32.50
N THR F 6 19.55 2.49 33.15
CA THR F 6 18.70 3.59 33.59
C THR F 6 18.66 4.68 32.54
N LEU F 7 17.49 5.28 32.38
CA LEU F 7 17.31 6.37 31.43
C LEU F 7 17.62 7.71 32.10
N SER F 8 18.49 8.50 31.48
CA SER F 8 18.90 9.81 32.01
C SER F 8 18.51 10.89 31.01
N ASP F 9 17.47 11.66 31.35
CA ASP F 9 16.97 12.73 30.50
C ASP F 9 16.12 13.68 31.35
N SER F 10 16.75 14.38 32.28
CA SER F 10 16.03 15.30 33.14
C SER F 10 16.34 16.77 32.88
N GLU F 11 17.24 17.07 31.94
CA GLU F 11 17.77 18.42 31.84
C GLU F 11 16.76 19.39 31.23
N GLY F 12 16.60 20.54 31.89
CA GLY F 12 15.71 21.58 31.40
C GLY F 12 14.24 21.31 31.55
N LYS F 13 13.84 20.18 32.15
CA LYS F 13 12.44 19.82 32.26
C LYS F 13 11.82 20.45 33.50
N ASP F 14 10.49 20.41 33.55
CA ASP F 14 9.78 20.99 34.69
C ASP F 14 9.99 20.17 35.96
N THR F 15 10.29 18.88 35.80
CA THR F 15 10.54 18.02 36.95
C THR F 15 11.35 16.83 36.46
N PRO F 16 12.32 16.34 37.24
CA PRO F 16 13.19 15.28 36.74
C PRO F 16 12.39 14.05 36.34
N GLY F 17 12.92 13.32 35.38
CA GLY F 17 12.31 12.10 34.87
C GLY F 17 11.80 12.26 33.46
N GLY F 18 11.12 11.20 33.00
CA GLY F 18 10.56 11.16 31.66
C GLY F 18 11.60 10.84 30.60
N TYR F 19 11.14 10.84 29.35
CA TYR F 19 12.05 10.61 28.24
C TYR F 19 11.45 11.15 26.95
N CYS F 20 12.26 11.88 26.18
CA CYS F 20 11.83 12.49 24.92
C CYS F 20 12.48 11.75 23.75
N LEU F 21 11.64 11.16 22.90
CA LEU F 21 12.09 10.57 21.64
C LEU F 21 12.25 11.68 20.62
N THR F 22 13.50 11.97 20.24
CA THR F 22 13.78 13.01 19.27
C THR F 22 13.25 12.64 17.88
N ARG F 23 13.31 13.61 16.97
CA ARG F 23 12.82 13.39 15.60
C ARG F 23 13.59 12.27 14.91
N TRP F 24 14.89 12.15 15.21
CA TRP F 24 15.69 11.11 14.59
C TRP F 24 15.23 9.70 14.98
N MET F 25 14.63 9.55 16.15
CA MET F 25 14.21 8.24 16.64
C MET F 25 12.81 7.87 16.19
N LEU F 26 12.10 8.76 15.51
CA LEU F 26 10.71 8.52 15.12
C LEU F 26 10.59 8.55 13.61
N ILE F 27 9.82 7.60 13.08
CA ILE F 27 9.51 7.58 11.65
C ILE F 27 8.51 8.68 11.35
N GLU F 28 8.92 9.64 10.54
CA GLU F 28 8.04 10.67 9.99
C GLU F 28 7.11 11.25 11.06
N ALA F 29 7.74 11.81 12.10
CA ALA F 29 7.01 12.42 13.19
C ALA F 29 7.94 13.35 13.93
N GLU F 30 7.34 14.32 14.62
CA GLU F 30 8.10 15.28 15.41
C GLU F 30 8.35 14.71 16.80
N LEU F 31 9.13 15.45 17.59
CA LEU F 31 9.53 14.96 18.91
C LEU F 31 8.32 14.62 19.77
N LYS F 32 8.49 13.59 20.60
CA LYS F 32 7.44 13.10 21.48
C LYS F 32 8.05 12.90 22.87
N CYS F 33 7.55 13.65 23.84
CA CYS F 33 8.07 13.61 25.20
C CYS F 33 7.07 12.91 26.10
N PHE F 34 7.58 11.96 26.89
CA PHE F 34 6.77 11.21 27.84
C PHE F 34 7.22 11.54 29.25
N GLY F 35 6.26 11.69 30.15
CA GLY F 35 6.52 12.21 31.47
C GLY F 35 7.10 11.17 32.40
N ASN F 36 7.46 11.63 33.59
CA ASN F 36 8.08 10.75 34.58
C ASN F 36 7.14 9.62 34.99
N THR F 37 5.86 9.92 35.23
CA THR F 37 4.99 8.87 35.75
C THR F 37 4.88 7.70 34.78
N ALA F 38 4.85 7.99 33.48
CA ALA F 38 4.82 6.91 32.50
C ALA F 38 6.17 6.22 32.42
N VAL F 39 7.25 6.98 32.21
CA VAL F 39 8.56 6.38 31.98
C VAL F 39 9.07 5.68 33.24
N ALA F 40 8.73 6.19 34.42
CA ALA F 40 9.25 5.56 35.64
C ALA F 40 8.77 4.13 35.80
N LYS F 41 7.70 3.76 35.09
CA LYS F 41 7.25 2.37 35.13
C LYS F 41 8.26 1.44 34.48
N CYS F 42 9.07 1.97 33.56
CA CYS F 42 10.09 1.16 32.90
C CYS F 42 11.15 0.65 33.87
N ASN F 43 11.29 1.29 35.04
CA ASN F 43 12.25 0.80 36.03
C ASN F 43 11.78 -0.47 36.71
N GLU F 44 10.49 -0.78 36.64
CA GLU F 44 9.92 -1.90 37.38
C GLU F 44 9.33 -2.97 36.49
N LYS F 45 8.61 -2.60 35.43
CA LYS F 45 7.89 -3.59 34.64
C LYS F 45 8.85 -4.52 33.91
N HIS F 46 8.45 -5.78 33.80
CA HIS F 46 9.27 -6.80 33.15
C HIS F 46 8.71 -7.23 31.79
N ASP F 47 7.75 -6.48 31.21
CA ASP F 47 7.05 -6.97 30.03
C ASP F 47 6.49 -5.85 29.15
N GLU F 48 7.14 -4.69 29.16
CA GLU F 48 6.75 -3.57 28.30
C GLU F 48 7.80 -3.42 27.22
N GLU F 49 7.46 -3.81 26.00
CA GLU F 49 8.40 -3.71 24.89
C GLU F 49 8.94 -2.30 24.73
N PHE F 50 8.05 -1.30 24.83
CA PHE F 50 8.49 0.08 24.64
C PHE F 50 9.58 0.47 25.61
N CYS F 51 9.53 -0.06 26.84
CA CYS F 51 10.58 0.23 27.82
C CYS F 51 11.91 -0.35 27.37
N ASP F 52 11.90 -1.58 26.86
CA ASP F 52 13.12 -2.14 26.30
C ASP F 52 13.67 -1.28 25.16
N MET F 53 12.79 -0.73 24.33
CA MET F 53 13.26 0.13 23.25
C MET F 53 13.79 1.45 23.79
N LEU F 54 13.17 2.00 24.83
CA LEU F 54 13.70 3.22 25.43
C LEU F 54 15.15 3.03 25.86
N ARG F 55 15.43 1.93 26.58
CA ARG F 55 16.81 1.65 26.98
C ARG F 55 17.70 1.39 25.78
N LEU F 56 17.16 0.79 24.73
CA LEU F 56 17.99 0.51 23.56
C LEU F 56 18.42 1.80 22.89
N PHE F 57 17.47 2.71 22.65
CA PHE F 57 17.82 3.98 21.99
C PHE F 57 18.69 4.84 22.89
N ASP F 58 18.46 4.80 24.20
CA ASP F 58 19.30 5.56 25.12
C ASP F 58 20.73 5.03 25.15
N PHE F 59 20.88 3.69 25.15
CA PHE F 59 22.21 3.12 25.10
C PHE F 59 22.92 3.52 23.80
N ASN F 60 22.21 3.45 22.68
CA ASN F 60 22.80 3.88 21.41
C ASN F 60 23.21 5.35 21.47
N LYS F 61 22.33 6.21 21.99
CA LYS F 61 22.68 7.62 22.12
C LYS F 61 23.90 7.80 23.00
N GLN F 62 23.88 7.17 24.18
CA GLN F 62 25.00 7.31 25.13
C GLN F 62 26.28 6.79 24.51
N ALA F 63 26.25 5.56 23.97
CA ALA F 63 27.46 4.94 23.45
C ALA F 63 28.08 5.77 22.35
N ILE F 64 27.26 6.27 21.42
CA ILE F 64 27.79 7.10 20.33
C ILE F 64 28.45 8.35 20.87
N GLN F 65 27.83 8.99 21.88
CA GLN F 65 28.31 10.27 22.37
C GLN F 65 29.53 10.11 23.28
N ARG F 66 29.58 9.04 24.07
CA ARG F 66 30.63 8.87 25.07
C ARG F 66 31.79 7.98 24.61
N LEU F 67 31.63 7.21 23.55
CA LEU F 67 32.72 6.41 23.01
C LEU F 67 33.09 6.91 21.62
N LYS F 68 34.37 6.79 21.28
CA LYS F 68 34.83 7.23 19.96
C LYS F 68 34.56 6.15 18.93
N ALA F 69 34.14 6.58 17.74
CA ALA F 69 33.71 5.64 16.71
C ALA F 69 34.90 4.84 16.18
N PRO F 70 34.77 3.53 16.05
CA PRO F 70 35.85 2.74 15.45
C PRO F 70 35.87 2.93 13.95
N ALA F 71 37.00 2.52 13.34
CA ALA F 71 37.12 2.58 11.89
C ALA F 71 36.12 1.65 11.23
N GLN F 72 36.12 0.37 11.61
CA GLN F 72 35.14 -0.60 11.15
C GLN F 72 34.13 -0.83 12.25
N THR F 73 32.84 -0.81 11.88
CA THR F 73 31.78 -1.00 12.86
C THR F 73 31.95 -2.34 13.57
N SER F 74 32.06 -2.30 14.89
CA SER F 74 32.08 -3.50 15.70
C SER F 74 30.74 -3.64 16.41
N ILE F 75 30.25 -4.87 16.50
CA ILE F 75 29.07 -5.17 17.27
C ILE F 75 29.41 -5.81 18.61
N GLN F 76 30.68 -5.73 19.03
CA GLN F 76 31.07 -6.33 20.31
C GLN F 76 30.29 -5.72 21.46
N LEU F 77 30.15 -4.38 21.45
CA LEU F 77 29.51 -3.69 22.56
C LEU F 77 28.07 -4.14 22.75
N ILE F 78 27.28 -4.17 21.67
CA ILE F 78 25.88 -4.52 21.82
C ILE F 78 25.74 -5.97 22.27
N ASN F 79 26.62 -6.86 21.79
CA ASN F 79 26.59 -8.25 22.25
C ASN F 79 26.87 -8.32 23.74
N LYS F 80 27.73 -7.43 24.24
CA LYS F 80 28.05 -7.42 25.65
C LYS F 80 26.92 -6.84 26.48
N ALA F 81 26.13 -5.93 25.92
CA ALA F 81 25.21 -5.14 26.72
C ALA F 81 23.75 -5.49 26.53
N VAL F 82 23.42 -6.33 25.54
CA VAL F 82 22.03 -6.47 25.09
C VAL F 82 21.12 -6.83 26.26
N ASN F 83 21.58 -7.70 27.16
CA ASN F 83 20.72 -8.19 28.23
C ASN F 83 20.54 -7.20 29.36
N ALA F 84 21.37 -6.16 29.44
CA ALA F 84 21.10 -5.05 30.34
C ALA F 84 20.17 -4.01 29.74
N LEU F 85 19.80 -4.14 28.47
CA LEU F 85 18.93 -3.19 27.80
C LEU F 85 17.54 -3.75 27.54
N ILE F 86 17.45 -4.97 27.02
CA ILE F 86 16.17 -5.59 26.70
C ILE F 86 16.03 -6.92 27.43
N ASN F 87 14.80 -7.39 27.50
CA ASN F 87 14.47 -8.66 28.15
C ASN F 87 14.34 -9.70 27.04
N ASP F 88 15.40 -10.50 26.87
CA ASP F 88 15.39 -11.42 25.74
C ASP F 88 14.28 -12.46 25.85
N GLN F 89 13.68 -12.61 27.03
CA GLN F 89 12.50 -13.45 27.15
C GLN F 89 11.23 -12.73 26.72
N LEU F 90 11.24 -11.41 26.71
CA LEU F 90 10.07 -10.68 26.21
C LEU F 90 9.90 -10.94 24.72
N CYS F 91 10.97 -10.80 23.95
CA CYS F 91 10.84 -11.09 22.53
C CYS F 91 10.80 -12.59 22.24
N MET F 92 11.27 -13.43 23.16
CA MET F 92 10.93 -14.85 23.06
C MET F 92 9.42 -15.04 23.15
N LYS F 93 8.77 -14.32 24.07
CA LYS F 93 7.31 -14.36 24.15
C LYS F 93 6.69 -13.95 22.82
N ASN F 94 7.14 -12.83 22.26
CA ASN F 94 6.60 -12.41 20.98
C ASN F 94 6.89 -13.43 19.88
N HIS F 95 8.05 -14.09 19.94
CA HIS F 95 8.35 -15.11 18.95
C HIS F 95 7.41 -16.30 19.10
N LEU F 96 7.21 -16.78 20.33
CA LEU F 96 6.35 -17.95 20.53
C LEU F 96 4.92 -17.64 20.12
N ARG F 97 4.46 -16.42 20.37
CA ARG F 97 3.11 -16.05 19.95
C ARG F 97 3.01 -16.08 18.43
N ASP F 98 4.00 -15.49 17.75
CA ASP F 98 4.02 -15.52 16.29
C ASP F 98 3.94 -16.95 15.77
N ILE F 99 4.82 -17.82 16.28
CA ILE F 99 4.82 -19.23 15.91
C ILE F 99 3.42 -19.85 16.06
N MET F 100 2.62 -19.30 16.99
CA MET F 100 1.34 -19.89 17.35
C MET F 100 0.15 -19.21 16.68
N GLY F 101 0.38 -18.22 15.82
CA GLY F 101 -0.74 -17.55 15.18
C GLY F 101 -1.44 -16.54 16.06
N ILE F 102 -0.85 -16.21 17.21
CA ILE F 102 -1.39 -15.24 18.16
C ILE F 102 -0.78 -13.89 17.82
N PRO F 103 -1.54 -12.78 17.90
CA PRO F 103 -0.96 -11.47 17.56
C PRO F 103 0.21 -11.14 18.48
N TYR F 104 1.25 -10.53 17.92
CA TYR F 104 2.51 -10.35 18.62
C TYR F 104 3.08 -8.97 18.32
N CYS F 105 4.14 -8.63 19.06
CA CYS F 105 4.77 -7.31 18.96
C CYS F 105 6.05 -7.40 18.14
N ASN F 106 6.11 -6.65 17.03
CA ASN F 106 7.32 -6.55 16.24
C ASN F 106 8.15 -5.33 16.60
N TYR F 107 7.83 -4.67 17.71
CA TYR F 107 8.62 -3.60 18.33
C TYR F 107 8.65 -2.30 17.53
N SER F 108 7.86 -2.18 16.46
CA SER F 108 7.99 -1.00 15.62
C SER F 108 6.91 0.06 15.85
N LYS F 109 5.69 -0.32 16.22
CA LYS F 109 4.57 0.61 16.30
C LYS F 109 3.94 0.55 17.69
N TYR F 110 3.65 1.71 18.26
CA TYR F 110 3.12 1.80 19.61
C TYR F 110 1.96 2.79 19.64
N TRP F 111 1.07 2.61 20.61
CA TRP F 111 -0.07 3.50 20.81
C TRP F 111 -0.11 3.99 22.25
N TYR F 112 -0.67 5.18 22.43
CA TYR F 112 -0.80 5.76 23.76
C TYR F 112 -1.97 6.72 23.75
N LEU F 113 -2.47 7.01 24.95
CA LEU F 113 -3.51 8.02 25.09
C LEU F 113 -2.88 9.35 25.46
N ASN F 114 -3.52 10.44 25.01
CA ASN F 114 -2.99 11.78 25.20
C ASN F 114 -4.15 12.70 25.57
N HIS F 115 -4.10 13.23 26.79
CA HIS F 115 -5.16 14.11 27.28
C HIS F 115 -5.26 15.37 26.44
N THR F 116 -6.48 15.70 26.01
CA THR F 116 -6.66 16.73 24.98
C THR F 116 -6.44 18.14 25.51
N THR F 117 -6.35 18.34 26.81
CA THR F 117 -6.07 19.68 27.32
C THR F 117 -4.83 19.74 28.19
N THR F 118 -4.57 18.72 29.01
CA THR F 118 -3.38 18.75 29.86
C THR F 118 -2.18 18.10 29.20
N GLY F 119 -2.36 17.45 28.06
CA GLY F 119 -1.27 16.81 27.38
C GLY F 119 -0.71 15.57 28.04
N ARG F 120 -1.23 15.15 29.19
CA ARG F 120 -0.70 13.99 29.89
C ARG F 120 -0.79 12.74 28.99
N THR F 121 0.24 11.91 29.08
CA THR F 121 0.40 10.79 28.16
C THR F 121 0.60 9.49 28.93
N SER F 122 0.10 8.40 28.35
CA SER F 122 0.31 7.07 28.90
C SER F 122 1.58 6.44 28.33
N LEU F 123 2.09 5.45 29.04
CA LEU F 123 3.23 4.71 28.55
C LEU F 123 2.84 3.97 27.29
N PRO F 124 3.49 4.20 26.16
CA PRO F 124 3.06 3.57 24.90
C PRO F 124 3.13 2.05 24.98
N LYS F 125 2.09 1.41 24.46
CA LYS F 125 1.99 -0.04 24.38
C LYS F 125 2.10 -0.49 22.92
N CYS F 126 2.69 -1.66 22.72
CA CYS F 126 3.02 -2.11 21.37
C CYS F 126 1.77 -2.46 20.58
N TRP F 127 1.71 -1.96 19.35
CA TRP F 127 0.62 -2.28 18.44
C TRP F 127 0.90 -3.64 17.77
N LEU F 128 0.04 -4.60 18.03
CA LEU F 128 0.31 -5.99 17.69
C LEU F 128 0.06 -6.27 16.20
N VAL F 129 0.64 -7.38 15.73
CA VAL F 129 0.59 -7.75 14.33
C VAL F 129 0.45 -9.27 14.23
N SER F 130 0.04 -9.73 13.05
CA SER F 130 -0.04 -11.18 12.80
C SER F 130 -0.03 -11.42 11.30
N ASN F 131 0.96 -12.17 10.81
CA ASN F 131 1.11 -12.47 9.39
C ASN F 131 1.06 -11.19 8.53
N GLY F 132 1.80 -10.18 8.97
CA GLY F 132 1.90 -8.95 8.24
C GLY F 132 0.72 -8.01 8.37
N SER F 133 -0.36 -8.42 9.03
CA SER F 133 -1.53 -7.58 9.23
C SER F 133 -1.54 -7.05 10.66
N TYR F 134 -1.53 -5.72 10.81
CA TYR F 134 -1.59 -5.11 12.14
C TYR F 134 -3.02 -5.16 12.67
N LEU F 135 -3.15 -5.37 13.97
CA LEU F 135 -4.48 -5.35 14.58
C LEU F 135 -5.17 -4.03 14.28
N ASN F 136 -6.49 -4.10 14.14
CA ASN F 136 -7.30 -2.89 14.13
C ASN F 136 -7.51 -2.40 15.57
N GLU F 137 -7.77 -1.09 15.70
CA GLU F 137 -8.04 -0.54 17.02
C GLU F 137 -9.18 -1.29 17.69
N THR F 138 -10.20 -1.68 16.93
CA THR F 138 -11.32 -2.42 17.49
C THR F 138 -10.87 -3.71 18.18
N HIS F 139 -9.77 -4.31 17.71
CA HIS F 139 -9.33 -5.59 18.28
C HIS F 139 -8.91 -5.46 19.73
N PHE F 140 -8.49 -4.27 20.17
CA PHE F 140 -8.04 -4.09 21.54
C PHE F 140 -8.66 -2.85 22.18
N SER F 141 -9.89 -2.53 21.78
CA SER F 141 -10.51 -1.29 22.24
C SER F 141 -10.66 -1.27 23.76
N ASP F 142 -11.03 -2.40 24.36
CA ASP F 142 -11.22 -2.43 25.82
C ASP F 142 -9.90 -2.24 26.56
N ASP F 143 -8.78 -2.57 25.93
CA ASP F 143 -7.47 -2.24 26.49
C ASP F 143 -7.28 -0.73 26.56
N ILE F 144 -7.59 -0.04 25.46
CA ILE F 144 -7.51 1.41 25.44
C ILE F 144 -8.42 2.00 26.50
N GLU F 145 -9.57 1.36 26.73
CA GLU F 145 -10.50 1.85 27.73
C GLU F 145 -9.89 1.79 29.13
N GLN F 146 -9.35 0.64 29.52
CA GLN F 146 -8.77 0.55 30.86
C GLN F 146 -7.55 1.45 30.99
N GLN F 147 -6.83 1.69 29.89
CA GLN F 147 -5.73 2.65 29.93
C GLN F 147 -6.24 4.05 30.25
N ALA F 148 -7.33 4.47 29.61
CA ALA F 148 -7.95 5.73 29.98
C ALA F 148 -8.36 5.74 31.46
N ASP F 149 -8.79 4.60 31.97
CA ASP F 149 -9.17 4.54 33.39
C ASP F 149 -7.96 4.76 34.28
N ASN F 150 -6.85 4.07 33.99
CA ASN F 150 -5.64 4.26 34.79
C ASN F 150 -5.16 5.69 34.72
N MET F 151 -5.31 6.33 33.56
CA MET F 151 -4.99 7.75 33.44
C MET F 151 -5.86 8.59 34.37
N ILE F 152 -7.16 8.28 34.42
CA ILE F 152 -8.06 9.04 35.29
C ILE F 152 -7.74 8.77 36.75
N THR F 153 -7.45 7.51 37.10
CA THR F 153 -7.05 7.19 38.46
C THR F 153 -5.79 7.93 38.86
N GLU F 154 -4.79 7.96 37.96
CA GLU F 154 -3.54 8.67 38.25
C GLU F 154 -3.77 10.17 38.36
N MET F 155 -4.60 10.74 37.49
CA MET F 155 -4.90 12.17 37.57
C MET F 155 -5.60 12.51 38.88
N LEU F 156 -6.39 11.59 39.43
CA LEU F 156 -7.04 11.84 40.70
C LEU F 156 -6.07 11.61 41.86
N GLN F 157 -5.12 10.69 41.70
CA GLN F 157 -4.09 10.52 42.72
C GLN F 157 -3.15 11.71 42.78
N LYS F 158 -3.00 12.42 41.67
CA LYS F 158 -2.13 13.58 41.62
C LYS F 158 -2.78 14.79 42.29
N GLU F 159 -4.04 15.07 41.94
CA GLU F 159 -4.77 16.15 42.58
C GLU F 159 -4.86 15.97 44.10
N TYR F 160 -4.94 14.72 44.56
CA TYR F 160 -4.94 14.47 45.99
C TYR F 160 -3.59 14.79 46.61
N MET F 161 -2.51 14.30 46.02
CA MET F 161 -1.17 14.56 46.54
C MET F 161 -0.69 15.96 46.25
N GLU F 162 -1.38 16.72 45.41
CA GLU F 162 -1.03 18.13 45.16
C GLU F 162 -1.79 19.04 46.12
N ARG F 163 -1.54 18.84 47.40
CA ARG F 163 -2.12 19.65 48.46
C ARG F 163 -1.07 20.04 49.49
#